data_4FPG
#
_entry.id   4FPG
#
_cell.length_a   76.366
_cell.length_b   82.514
_cell.length_c   115.953
_cell.angle_alpha   90.000
_cell.angle_beta   90.000
_cell.angle_gamma   90.000
#
_symmetry.space_group_name_H-M   'P 21 21 21'
#
loop_
_entity.id
_entity.type
_entity.pdbx_description
1 polymer 'Sialidase B'
2 non-polymer '2-[(3-hydroxybenzyl)amino]ethanesulfonic acid'
3 non-polymer 'DIMETHYL SULFOXIDE'
4 water water
#
_entity_poly.entity_id   1
_entity_poly.type   'polypeptide(L)'
_entity_poly.pdbx_seq_one_letter_code
;MNKRGLYSKLGISVVGISLLMGVPTLIHANELNYGQLSISPIFQGGSYQLNNKSIDISSLLLDKLSGESQTVVMKFKADK
PNSLQALFGLSNSKAGFKNNYFSIFMRDSGEIGVEIRDAQKGINYLFSRPASLWGKHKGQAVENTLVFVSDSKDKTYTMY
VNGIEVFSETVDTFLPISNINGIDKATLGAVNREGKEHYLAKGSIDEISLFNKAISDQEVSTIPLSNPFQLIFQSGDSTQ
ANYFRIPTLYTLSSGRVLSSIDARYGGTHDSKSKINIATSYSDDNGKTWSEPIFAMKFNDYEEQLVYWPRDNKLKNSQIS
GSASFIDSSIVEDKKSGKTILLADVMPAGIGNNNANKADSGFKEINGHYYLKLKKNGDNDFRYTVRENGVVYNETTNKPT
NYTINDKYEVLEGGKSLTVEQYSVDFDSGSLRERHNGKQVPMNVFYKDSLFKVTPTNYIAMTTSQNRGESWEQFKLLPPF
LGEKHNGTYLCPGQGLALKSSNRLIFATYTSGELTYLISDDSGQTWKKSSASIPFKNATAEAQMVELRDGVIRTFFRTTT
GKIAYMTSRDSGETWSKVSYIDGIQQTSYGTQVSAIKYSQLIDGKEAVILSTPNSRSGRKGGQLVVGLVNKEDDSIDWKY
HYDIDLPSYGYAYSAITELPNHHIGVLFEKYDSWSRNELHLSNVVQYIDLEINDLTK
;
_entity_poly.pdbx_strand_id   A
#
# COMPACT_ATOMS: atom_id res chain seq x y z
N ILE A 39 -32.96 13.07 5.82
CA ILE A 39 -34.12 13.16 6.72
C ILE A 39 -33.75 13.23 8.21
N SER A 40 -34.62 12.70 9.06
CA SER A 40 -34.55 12.96 10.50
C SER A 40 -34.47 11.68 11.35
N PRO A 41 -33.73 11.74 12.48
CA PRO A 41 -33.49 10.61 13.37
C PRO A 41 -34.68 10.23 14.24
N ILE A 42 -34.93 8.93 14.39
CA ILE A 42 -35.91 8.44 15.35
C ILE A 42 -35.33 8.42 16.77
N PHE A 43 -34.02 8.21 16.88
CA PHE A 43 -33.35 8.33 18.17
C PHE A 43 -32.00 9.02 18.04
N GLN A 44 -31.74 9.94 18.96
CA GLN A 44 -30.47 10.64 18.99
C GLN A 44 -29.99 10.81 20.41
N GLY A 45 -28.83 10.25 20.71
CA GLY A 45 -28.21 10.41 22.01
C GLY A 45 -26.73 10.67 21.81
N GLY A 46 -26.01 10.86 22.91
CA GLY A 46 -24.59 11.09 22.84
C GLY A 46 -23.93 11.36 24.17
N SER A 47 -22.60 11.53 24.14
CA SER A 47 -21.76 11.68 25.32
C SER A 47 -21.87 10.47 26.26
N TYR A 48 -21.79 9.26 25.70
CA TYR A 48 -21.88 8.05 26.51
C TYR A 48 -20.50 7.52 26.84
N GLN A 49 -20.27 7.22 28.12
CA GLN A 49 -18.98 6.69 28.55
C GLN A 49 -19.07 5.20 28.82
N LEU A 50 -18.35 4.41 28.03
CA LEU A 50 -18.37 2.96 28.15
C LEU A 50 -17.18 2.45 28.96
N ASN A 51 -17.32 2.35 30.28
CA ASN A 51 -16.23 1.88 31.14
C ASN A 51 -16.44 0.45 31.64
N ASN A 52 -16.64 -0.46 30.70
CA ASN A 52 -16.96 -1.85 31.00
C ASN A 52 -18.27 -1.99 31.77
N LYS A 53 -19.19 -1.08 31.49
CA LYS A 53 -20.58 -1.25 31.90
C LYS A 53 -21.49 -0.83 30.75
N SER A 54 -22.44 -1.71 30.40
CA SER A 54 -23.43 -1.41 29.37
C SER A 54 -24.38 -0.32 29.84
N ILE A 55 -24.93 0.44 28.90
CA ILE A 55 -25.92 1.47 29.20
C ILE A 55 -27.20 1.09 28.51
N ASP A 56 -28.31 1.09 29.26
CA ASP A 56 -29.61 0.74 28.71
C ASP A 56 -30.27 1.93 28.00
N ILE A 57 -30.58 1.75 26.71
CA ILE A 57 -31.32 2.75 25.93
C ILE A 57 -32.57 2.09 25.27
N SER A 58 -32.92 0.92 25.79
CA SER A 58 -34.08 0.15 25.34
C SER A 58 -35.36 0.96 25.46
N SER A 59 -35.58 1.47 26.67
CA SER A 59 -36.73 2.33 26.97
C SER A 59 -36.94 3.41 25.92
N LEU A 60 -35.84 4.03 25.50
CA LEU A 60 -35.88 5.13 24.55
C LEU A 60 -35.92 4.72 23.08
N LEU A 61 -35.23 3.63 22.73
CA LEU A 61 -35.04 3.28 21.33
C LEU A 61 -36.08 2.31 20.78
N LEU A 62 -36.22 1.16 21.44
CA LEU A 62 -36.97 0.04 20.89
C LEU A 62 -38.31 0.37 20.27
N ASP A 63 -39.18 1.08 21.01
CA ASP A 63 -40.52 1.34 20.50
C ASP A 63 -40.52 2.27 19.27
N LYS A 64 -39.40 2.97 19.05
CA LYS A 64 -39.24 3.83 17.87
C LYS A 64 -38.91 3.04 16.61
N LEU A 65 -38.50 1.78 16.78
CA LEU A 65 -38.12 0.96 15.64
C LEU A 65 -39.35 0.54 14.83
N SER A 66 -39.22 0.61 13.52
CA SER A 66 -40.32 0.29 12.61
C SER A 66 -39.84 0.28 11.17
N GLY A 67 -40.45 -0.58 10.36
CA GLY A 67 -39.96 -0.78 9.01
C GLY A 67 -38.80 -1.73 9.07
N GLU A 68 -38.38 -2.23 7.91
CA GLU A 68 -37.37 -3.27 7.87
C GLU A 68 -35.99 -2.78 7.46
N SER A 69 -35.91 -1.50 7.08
CA SER A 69 -34.63 -0.89 6.72
C SER A 69 -34.20 0.13 7.78
N GLN A 70 -32.92 0.17 8.09
CA GLN A 70 -32.44 1.07 9.14
C GLN A 70 -31.07 1.67 8.81
N THR A 71 -30.75 2.79 9.45
CA THR A 71 -29.42 3.37 9.35
C THR A 71 -28.91 3.72 10.74
N VAL A 72 -27.66 3.35 11.01
CA VAL A 72 -27.01 3.73 12.25
C VAL A 72 -25.95 4.77 11.93
N VAL A 73 -25.81 5.75 12.80
CA VAL A 73 -24.72 6.70 12.68
C VAL A 73 -24.11 6.84 14.07
N MET A 74 -22.87 6.37 14.19
CA MET A 74 -22.17 6.37 15.47
C MET A 74 -20.83 7.10 15.38
N LYS A 75 -20.66 8.10 16.23
CA LYS A 75 -19.37 8.79 16.36
C LYS A 75 -18.75 8.41 17.70
N PHE A 76 -17.65 7.67 17.64
CA PHE A 76 -17.11 7.04 18.84
C PHE A 76 -15.58 7.05 18.90
N LYS A 77 -15.07 6.91 20.12
CA LYS A 77 -13.65 6.82 20.38
C LYS A 77 -13.32 5.53 21.12
N ALA A 78 -12.17 4.96 20.79
CA ALA A 78 -11.68 3.77 21.49
C ALA A 78 -10.19 3.80 21.34
N ASP A 79 -9.49 4.25 22.38
CA ASP A 79 -8.05 4.33 22.32
C ASP A 79 -7.42 3.39 23.33
N LYS A 80 -8.28 2.78 24.15
CA LYS A 80 -7.89 1.62 24.96
C LYS A 80 -8.96 0.56 24.76
N PRO A 81 -9.10 0.04 23.53
CA PRO A 81 -10.16 -0.97 23.36
C PRO A 81 -9.84 -2.29 24.06
N ASN A 82 -10.88 -3.04 24.38
CA ASN A 82 -10.68 -4.41 24.83
C ASN A 82 -10.41 -5.28 23.61
N SER A 83 -10.07 -6.55 23.83
CA SER A 83 -9.70 -7.46 22.76
C SER A 83 -10.78 -7.55 21.69
N LEU A 84 -12.01 -7.74 22.16
CA LEU A 84 -13.19 -7.73 21.30
C LEU A 84 -14.35 -7.09 22.09
N GLN A 85 -14.98 -6.06 21.54
CA GLN A 85 -16.09 -5.41 22.24
C GLN A 85 -17.23 -4.97 21.33
N ALA A 86 -18.45 -5.07 21.84
CA ALA A 86 -19.61 -4.50 21.16
C ALA A 86 -19.82 -3.03 21.53
N LEU A 87 -20.15 -2.22 20.53
CA LEU A 87 -20.41 -0.82 20.78
C LEU A 87 -21.90 -0.64 20.95
N PHE A 88 -22.66 -1.50 20.28
CA PHE A 88 -24.10 -1.32 20.24
C PHE A 88 -24.75 -2.63 19.93
N GLY A 89 -25.92 -2.86 20.53
CA GLY A 89 -26.62 -4.11 20.36
C GLY A 89 -28.11 -4.04 20.58
N LEU A 90 -28.86 -4.56 19.60
CA LEU A 90 -30.26 -4.93 19.81
C LEU A 90 -30.27 -6.42 20.13
N SER A 91 -30.90 -6.80 21.24
CA SER A 91 -30.91 -8.22 21.61
C SER A 91 -32.24 -8.69 22.15
N ASN A 92 -32.44 -10.00 22.03
CA ASN A 92 -33.36 -10.74 22.86
C ASN A 92 -32.53 -11.15 24.07
N SER A 93 -32.84 -10.59 25.23
CA SER A 93 -32.08 -10.89 26.45
C SER A 93 -32.68 -12.06 27.23
N LYS A 94 -33.66 -12.75 26.65
CA LYS A 94 -34.35 -13.85 27.35
C LYS A 94 -33.60 -15.18 27.27
N ALA A 95 -33.45 -15.82 28.42
CA ALA A 95 -32.83 -17.13 28.54
C ALA A 95 -33.17 -18.11 27.42
N GLY A 96 -32.15 -18.61 26.73
CA GLY A 96 -32.38 -19.56 25.66
C GLY A 96 -32.51 -18.92 24.28
N PHE A 97 -32.39 -17.60 24.23
CA PHE A 97 -32.33 -16.89 22.95
C PHE A 97 -31.01 -16.15 22.80
N LYS A 98 -29.93 -16.75 23.28
CA LYS A 98 -28.64 -16.08 23.30
C LYS A 98 -28.12 -15.77 21.90
N ASN A 99 -28.67 -16.41 20.89
CA ASN A 99 -28.21 -16.16 19.52
C ASN A 99 -29.24 -15.35 18.73
N ASN A 100 -29.99 -14.52 19.46
CA ASN A 100 -30.87 -13.56 18.83
C ASN A 100 -30.41 -12.14 19.17
N TYR A 101 -29.55 -11.58 18.33
CA TYR A 101 -29.11 -10.19 18.52
C TYR A 101 -28.51 -9.58 17.27
N PHE A 102 -28.56 -8.25 17.22
CA PHE A 102 -27.77 -7.50 16.27
C PHE A 102 -26.75 -6.78 17.11
N SER A 103 -25.50 -6.72 16.64
CA SER A 103 -24.50 -5.90 17.31
C SER A 103 -23.57 -5.21 16.32
N ILE A 104 -22.98 -4.10 16.75
CA ILE A 104 -21.86 -3.50 16.02
C ILE A 104 -20.62 -3.67 16.90
N PHE A 105 -19.69 -4.48 16.46
CA PHE A 105 -18.55 -4.84 17.31
C PHE A 105 -17.21 -4.43 16.73
N MET A 106 -16.22 -4.28 17.58
CA MET A 106 -14.88 -4.05 17.09
C MET A 106 -13.86 -4.95 17.76
N ARG A 107 -12.67 -5.02 17.21
CA ARG A 107 -11.56 -5.73 17.85
C ARG A 107 -10.42 -4.72 18.09
N ASP A 108 -9.51 -5.05 19.00
CA ASP A 108 -8.41 -4.15 19.35
C ASP A 108 -7.32 -4.13 18.27
N SER A 109 -7.57 -4.83 17.17
CA SER A 109 -6.74 -4.72 15.98
C SER A 109 -7.28 -3.67 15.01
N GLY A 110 -8.43 -3.05 15.34
CA GLY A 110 -9.01 -2.03 14.49
C GLY A 110 -10.09 -2.50 13.54
N GLU A 111 -10.57 -3.72 13.74
CA GLU A 111 -11.54 -4.30 12.84
C GLU A 111 -12.94 -3.95 13.32
N ILE A 112 -13.86 -3.78 12.37
CA ILE A 112 -15.26 -3.47 12.65
C ILE A 112 -16.19 -4.51 12.01
N GLY A 113 -17.36 -4.72 12.62
CA GLY A 113 -18.38 -5.57 12.04
C GLY A 113 -19.75 -5.58 12.70
N VAL A 114 -20.70 -6.22 12.03
CA VAL A 114 -21.98 -6.52 12.65
C VAL A 114 -22.29 -8.01 12.65
N GLU A 115 -23.02 -8.42 13.68
CA GLU A 115 -23.62 -9.73 13.72
C GLU A 115 -25.13 -9.51 13.63
N ILE A 116 -25.80 -10.35 12.84
CA ILE A 116 -27.26 -10.34 12.73
C ILE A 116 -27.72 -11.78 12.84
N ARG A 117 -28.19 -12.14 14.03
CA ARG A 117 -28.46 -13.55 14.35
C ARG A 117 -29.88 -13.74 14.87
N ASP A 118 -30.59 -14.69 14.28
CA ASP A 118 -31.95 -15.01 14.69
C ASP A 118 -32.04 -16.53 14.72
N ALA A 119 -32.05 -17.10 15.92
CA ALA A 119 -32.04 -18.55 16.07
C ALA A 119 -33.22 -19.19 15.36
N GLN A 120 -34.37 -18.54 15.41
CA GLN A 120 -35.58 -19.14 14.88
C GLN A 120 -35.68 -19.05 13.36
N LYS A 121 -34.89 -18.17 12.76
CA LYS A 121 -34.83 -18.07 11.29
C LYS A 121 -33.67 -18.87 10.73
N GLY A 122 -32.86 -19.42 11.62
CA GLY A 122 -31.71 -20.20 11.18
C GLY A 122 -30.78 -19.29 10.41
N ILE A 123 -30.59 -18.10 10.96
CA ILE A 123 -29.77 -17.09 10.33
C ILE A 123 -28.75 -16.55 11.32
N ASN A 124 -27.47 -16.76 10.98
CA ASN A 124 -26.37 -16.15 11.70
C ASN A 124 -25.40 -15.42 10.77
N TYR A 125 -25.69 -14.14 10.49
CA TYR A 125 -24.84 -13.34 9.62
C TYR A 125 -23.69 -12.65 10.37
N LEU A 126 -22.52 -12.64 9.73
CA LEU A 126 -21.34 -11.97 10.30
C LEU A 126 -20.52 -11.28 9.21
N PHE A 127 -20.54 -9.95 9.19
CA PHE A 127 -19.75 -9.20 8.21
C PHE A 127 -18.75 -8.31 8.92
N SER A 128 -17.53 -8.27 8.38
CA SER A 128 -16.49 -7.45 8.98
C SER A 128 -15.39 -7.15 7.98
N ARG A 129 -14.55 -6.18 8.34
CA ARG A 129 -13.29 -5.92 7.64
C ARG A 129 -12.23 -5.48 8.64
N PRO A 130 -11.11 -6.22 8.68
CA PRO A 130 -9.96 -5.85 9.51
C PRO A 130 -9.50 -4.43 9.20
N ALA A 131 -8.78 -3.81 10.13
CA ALA A 131 -8.13 -2.50 9.90
C ALA A 131 -9.07 -1.44 9.34
N SER A 132 -10.09 -1.08 10.11
CA SER A 132 -11.07 -0.10 9.64
C SER A 132 -11.10 1.13 10.52
N LEU A 133 -10.34 1.12 11.61
CA LEU A 133 -10.45 2.18 12.61
C LEU A 133 -9.19 3.02 12.84
N TRP A 134 -9.37 4.11 13.58
CA TRP A 134 -8.28 4.85 14.17
C TRP A 134 -8.38 4.82 15.69
N GLY A 135 -7.26 4.92 16.38
CA GLY A 135 -7.27 4.97 17.82
C GLY A 135 -6.91 6.35 18.32
N LYS A 136 -5.67 6.76 18.04
CA LYS A 136 -5.10 8.01 18.50
C LYS A 136 -4.32 8.71 17.41
N HIS A 137 -4.17 10.03 17.56
CA HIS A 137 -3.47 10.86 16.62
C HIS A 137 -3.08 12.15 17.35
N LYS A 138 -1.78 12.44 17.36
CA LYS A 138 -1.23 13.59 18.08
C LYS A 138 -1.54 13.53 19.58
N GLY A 139 -1.65 12.31 20.10
CA GLY A 139 -1.93 12.10 21.51
C GLY A 139 -3.40 12.02 21.92
N GLN A 140 -4.29 12.31 20.98
CA GLN A 140 -5.73 12.40 21.26
C GLN A 140 -6.55 11.26 20.66
N ALA A 141 -7.56 10.84 21.39
CA ALA A 141 -8.52 9.87 20.91
C ALA A 141 -9.23 10.29 19.61
N VAL A 142 -9.17 9.47 18.56
CA VAL A 142 -9.85 9.80 17.30
C VAL A 142 -11.36 9.55 17.36
N GLU A 143 -12.13 10.58 17.01
CA GLU A 143 -13.57 10.43 16.84
C GLU A 143 -13.81 9.74 15.51
N ASN A 144 -14.11 8.43 15.59
CA ASN A 144 -14.43 7.60 14.43
C ASN A 144 -15.89 7.69 14.07
N THR A 145 -16.16 7.73 12.77
CA THR A 145 -17.52 7.93 12.29
C THR A 145 -17.97 6.71 11.51
N LEU A 146 -19.05 6.11 11.98
CA LEU A 146 -19.47 4.84 11.45
C LEU A 146 -20.89 5.02 10.93
N VAL A 147 -21.11 4.59 9.70
CA VAL A 147 -22.44 4.58 9.12
C VAL A 147 -22.74 3.19 8.61
N PHE A 148 -23.59 2.46 9.34
CA PHE A 148 -24.09 1.14 8.90
C PHE A 148 -25.51 1.20 8.34
N VAL A 149 -25.66 0.74 7.10
CA VAL A 149 -26.97 0.71 6.44
C VAL A 149 -27.48 -0.71 6.25
N SER A 150 -28.66 -0.99 6.80
CA SER A 150 -29.38 -2.24 6.58
C SER A 150 -30.58 -2.00 5.66
N ASP A 151 -30.44 -2.42 4.40
CA ASP A 151 -31.37 -2.01 3.35
C ASP A 151 -32.23 -3.16 2.88
N SER A 152 -33.49 -3.17 3.32
CA SER A 152 -34.35 -4.34 3.13
C SER A 152 -34.82 -4.57 1.69
N LYS A 153 -34.80 -3.52 0.87
CA LYS A 153 -35.23 -3.65 -0.51
C LYS A 153 -34.15 -4.28 -1.38
N ASP A 154 -32.90 -3.86 -1.17
CA ASP A 154 -31.77 -4.40 -1.92
C ASP A 154 -31.25 -5.65 -1.28
N LYS A 155 -31.69 -5.91 -0.05
CA LYS A 155 -31.17 -7.01 0.76
C LYS A 155 -29.66 -6.88 0.89
N THR A 156 -29.22 -5.74 1.39
CA THR A 156 -27.79 -5.45 1.41
C THR A 156 -27.43 -4.72 2.68
N TYR A 157 -26.36 -5.14 3.31
CA TYR A 157 -25.84 -4.39 4.45
C TYR A 157 -24.59 -3.64 3.98
N THR A 158 -24.36 -2.45 4.52
CA THR A 158 -23.20 -1.67 4.11
C THR A 158 -22.63 -0.91 5.29
N MET A 159 -21.31 -0.92 5.42
CA MET A 159 -20.63 -0.27 6.54
C MET A 159 -19.62 0.77 6.02
N TYR A 160 -19.67 1.95 6.62
CA TYR A 160 -18.72 3.01 6.29
C TYR A 160 -18.02 3.37 7.58
N VAL A 161 -16.71 3.59 7.50
CA VAL A 161 -15.99 4.13 8.65
C VAL A 161 -15.06 5.25 8.21
N ASN A 162 -15.28 6.44 8.77
CA ASN A 162 -14.56 7.64 8.39
C ASN A 162 -14.57 7.87 6.88
N GLY A 163 -15.72 7.65 6.26
CA GLY A 163 -15.89 7.93 4.85
C GLY A 163 -15.52 6.76 3.95
N ILE A 164 -15.11 5.66 4.53
CA ILE A 164 -14.66 4.55 3.71
C ILE A 164 -15.59 3.36 3.79
N GLU A 165 -16.12 2.97 2.63
CA GLU A 165 -16.95 1.78 2.58
C GLU A 165 -16.05 0.60 2.81
N VAL A 166 -16.32 -0.14 3.89
CA VAL A 166 -15.47 -1.26 4.32
C VAL A 166 -16.11 -2.65 4.10
N PHE A 167 -17.43 -2.68 3.92
CA PHE A 167 -18.11 -3.86 3.39
C PHE A 167 -19.50 -3.54 2.84
N SER A 168 -19.91 -4.31 1.84
CA SER A 168 -21.25 -4.22 1.26
C SER A 168 -21.69 -5.63 0.84
N GLU A 169 -22.59 -6.21 1.60
CA GLU A 169 -22.99 -7.60 1.38
C GLU A 169 -24.48 -7.80 1.06
N THR A 170 -24.76 -8.40 -0.09
CA THR A 170 -26.12 -8.79 -0.44
C THR A 170 -26.36 -10.25 -0.02
N VAL A 171 -27.57 -10.55 0.45
CA VAL A 171 -27.93 -11.92 0.84
C VAL A 171 -29.20 -12.36 0.13
N ASP A 172 -29.41 -13.67 0.03
CA ASP A 172 -30.66 -14.15 -0.54
C ASP A 172 -31.77 -13.85 0.45
N THR A 173 -31.46 -14.03 1.72
CA THR A 173 -32.43 -13.88 2.79
C THR A 173 -32.09 -12.72 3.74
N PHE A 174 -32.81 -11.62 3.59
CA PHE A 174 -32.60 -10.47 4.45
C PHE A 174 -33.15 -10.65 5.86
N LEU A 175 -32.30 -10.46 6.87
CA LEU A 175 -32.74 -10.40 8.25
C LEU A 175 -32.63 -8.96 8.76
N PRO A 176 -33.74 -8.22 8.79
CA PRO A 176 -33.72 -6.85 9.32
C PRO A 176 -33.29 -6.88 10.77
N ILE A 177 -32.60 -5.85 11.23
CA ILE A 177 -32.02 -5.85 12.56
C ILE A 177 -33.09 -5.64 13.64
N SER A 178 -34.25 -5.22 13.20
CA SER A 178 -35.39 -4.93 14.05
C SER A 178 -36.33 -6.12 14.03
N ASN A 179 -36.10 -7.01 13.08
CA ASN A 179 -36.93 -8.19 12.91
C ASN A 179 -36.43 -9.44 13.64
N ILE A 180 -35.36 -9.33 14.41
CA ILE A 180 -34.89 -10.47 15.18
C ILE A 180 -35.92 -10.83 16.23
N ASN A 181 -36.30 -12.10 16.24
CA ASN A 181 -37.34 -12.63 17.11
C ASN A 181 -37.12 -12.33 18.61
N GLY A 182 -38.10 -11.67 19.21
CA GLY A 182 -38.13 -11.46 20.65
C GLY A 182 -37.16 -10.46 21.26
N ILE A 183 -36.58 -9.57 20.45
CA ILE A 183 -35.64 -8.60 21.01
C ILE A 183 -36.30 -7.69 22.04
N ASP A 184 -35.59 -7.41 23.13
CA ASP A 184 -36.17 -6.64 24.23
C ASP A 184 -35.20 -5.69 24.90
N LYS A 185 -34.06 -5.46 24.27
CA LYS A 185 -33.03 -4.59 24.82
C LYS A 185 -32.33 -3.80 23.70
N ALA A 186 -32.06 -2.53 23.95
CA ALA A 186 -31.14 -1.75 23.13
C ALA A 186 -30.01 -1.31 24.03
N THR A 187 -28.78 -1.59 23.64
CA THR A 187 -27.66 -1.56 24.57
C THR A 187 -26.39 -0.90 24.00
N LEU A 188 -25.68 -0.18 24.88
CA LEU A 188 -24.45 0.50 24.52
C LEU A 188 -23.27 -0.03 25.32
N GLY A 189 -22.23 -0.47 24.62
CA GLY A 189 -21.01 -0.93 25.26
C GLY A 189 -21.09 -2.38 25.66
N ALA A 190 -22.19 -3.04 25.30
CA ALA A 190 -22.33 -4.47 25.53
C ALA A 190 -23.41 -5.07 24.67
N VAL A 191 -23.49 -6.40 24.69
CA VAL A 191 -24.63 -7.12 24.15
C VAL A 191 -25.24 -7.94 25.27
N ASN A 192 -26.51 -7.68 25.55
CA ASN A 192 -27.22 -8.37 26.61
C ASN A 192 -27.76 -9.69 26.06
N ARG A 193 -27.11 -10.79 26.43
CA ARG A 193 -27.60 -12.12 26.08
C ARG A 193 -27.91 -12.86 27.36
N GLU A 194 -29.17 -13.28 27.52
CA GLU A 194 -29.60 -14.04 28.70
C GLU A 194 -29.29 -13.31 30.01
N GLY A 195 -29.44 -12.00 29.99
CA GLY A 195 -29.34 -11.20 31.21
C GLY A 195 -27.93 -10.89 31.67
N LYS A 196 -26.96 -11.13 30.80
CA LYS A 196 -25.55 -10.83 31.10
C LYS A 196 -24.91 -9.95 30.03
N GLU A 197 -23.91 -9.18 30.42
CA GLU A 197 -23.24 -8.26 29.51
C GLU A 197 -22.08 -8.91 28.77
N HIS A 198 -22.30 -9.25 27.51
CA HIS A 198 -21.26 -9.83 26.66
C HIS A 198 -20.58 -8.75 25.82
N TYR A 199 -19.31 -8.98 25.49
CA TYR A 199 -18.52 -8.07 24.67
C TYR A 199 -18.48 -6.65 25.25
N LEU A 200 -18.30 -6.55 26.57
CA LEU A 200 -18.14 -5.26 27.24
C LEU A 200 -17.11 -4.34 26.60
N ALA A 201 -17.49 -3.09 26.40
CA ALA A 201 -16.63 -2.13 25.71
C ALA A 201 -15.92 -1.19 26.65
N LYS A 202 -14.68 -0.85 26.29
CA LYS A 202 -14.00 0.32 26.85
C LYS A 202 -13.82 1.37 25.75
N GLY A 203 -14.53 2.50 25.89
CA GLY A 203 -14.46 3.60 24.95
C GLY A 203 -15.48 4.69 25.25
N SER A 204 -16.00 5.34 24.20
CA SER A 204 -17.08 6.34 24.33
C SER A 204 -17.81 6.60 23.01
N ILE A 205 -19.12 6.85 23.10
CA ILE A 205 -19.92 7.15 21.93
C ILE A 205 -20.46 8.57 22.04
N ASP A 206 -19.80 9.50 21.34
CA ASP A 206 -20.10 10.91 21.50
C ASP A 206 -21.44 11.27 20.87
N GLU A 207 -21.84 10.52 19.85
CA GLU A 207 -23.11 10.76 19.16
C GLU A 207 -23.60 9.52 18.45
N ILE A 208 -24.83 9.12 18.73
CA ILE A 208 -25.46 8.02 18.01
C ILE A 208 -26.87 8.43 17.52
N SER A 209 -27.18 8.03 16.29
CA SER A 209 -28.43 8.40 15.63
C SER A 209 -29.02 7.19 14.92
N LEU A 210 -30.32 7.22 14.65
CA LEU A 210 -30.99 6.07 14.04
C LEU A 210 -32.09 6.48 13.11
N PHE A 211 -32.30 5.70 12.07
CA PHE A 211 -33.15 6.12 10.97
C PHE A 211 -33.93 4.92 10.46
N ASN A 212 -35.26 5.01 10.52
CA ASN A 212 -36.10 3.93 10.00
C ASN A 212 -36.18 4.02 8.49
N LYS A 213 -35.00 3.91 7.87
CA LYS A 213 -34.79 4.11 6.45
C LYS A 213 -33.36 3.69 6.10
N ALA A 214 -33.18 3.23 4.88
CA ALA A 214 -31.86 2.94 4.37
C ALA A 214 -31.43 4.14 3.54
N ILE A 215 -30.57 4.98 4.11
CA ILE A 215 -30.16 6.21 3.44
C ILE A 215 -29.25 5.92 2.24
N SER A 216 -29.33 6.78 1.23
CA SER A 216 -28.59 6.58 -0.01
C SER A 216 -27.11 6.84 0.16
N ASP A 217 -26.31 6.27 -0.73
CA ASP A 217 -24.87 6.45 -0.75
C ASP A 217 -24.48 7.93 -0.81
N GLN A 218 -25.33 8.74 -1.43
CA GLN A 218 -25.07 10.18 -1.58
C GLN A 218 -25.25 10.91 -0.26
N GLU A 219 -26.34 10.57 0.44
CA GLU A 219 -26.66 11.18 1.73
C GLU A 219 -25.58 10.85 2.75
N VAL A 220 -25.01 9.66 2.64
CA VAL A 220 -23.91 9.25 3.50
C VAL A 220 -22.75 10.25 3.40
N SER A 221 -22.39 10.58 2.17
CA SER A 221 -21.27 11.49 1.90
C SER A 221 -21.46 12.87 2.52
N THR A 222 -22.72 13.24 2.78
CA THR A 222 -22.99 14.53 3.43
C THR A 222 -22.87 14.47 4.95
N ILE A 223 -22.53 13.31 5.48
CA ILE A 223 -22.26 13.22 6.91
C ILE A 223 -20.85 13.71 7.19
N PRO A 224 -20.74 14.73 8.04
CA PRO A 224 -19.44 15.30 8.42
C PRO A 224 -18.53 14.26 9.09
N LEU A 225 -17.24 14.30 8.75
CA LEU A 225 -16.28 13.37 9.36
C LEU A 225 -15.29 14.14 10.23
N SER A 226 -14.62 13.43 11.13
CA SER A 226 -13.58 14.02 11.96
C SER A 226 -12.27 13.25 11.75
N ASN A 227 -11.85 13.14 10.49
CA ASN A 227 -10.68 12.33 10.15
C ASN A 227 -9.36 13.06 10.36
N PRO A 228 -8.34 12.31 10.80
CA PRO A 228 -7.00 12.86 11.00
C PRO A 228 -6.11 12.51 9.81
N PHE A 229 -6.70 11.86 8.82
CA PHE A 229 -5.96 11.37 7.65
C PHE A 229 -6.61 11.80 6.35
N GLN A 230 -5.93 11.51 5.26
CA GLN A 230 -6.41 11.81 3.94
C GLN A 230 -6.04 10.67 3.01
N LEU A 231 -6.82 10.50 1.96
CA LEU A 231 -6.43 9.59 0.90
C LEU A 231 -5.74 10.45 -0.14
N ILE A 232 -4.62 9.97 -0.66
CA ILE A 232 -4.02 10.59 -1.84
C ILE A 232 -4.58 9.87 -3.06
N PHE A 233 -4.32 8.57 -3.13
CA PHE A 233 -4.90 7.72 -4.15
C PHE A 233 -6.06 7.02 -3.48
N GLN A 234 -7.05 6.59 -4.26
CA GLN A 234 -8.26 6.05 -3.64
C GLN A 234 -9.14 5.28 -4.64
N SER A 235 -9.71 4.16 -4.18
CA SER A 235 -10.65 3.38 -4.97
C SER A 235 -11.58 4.28 -5.79
N GLY A 236 -11.65 4.01 -7.10
CA GLY A 236 -12.43 4.82 -8.00
C GLY A 236 -11.74 6.02 -8.64
N ASP A 237 -10.48 6.30 -8.27
CA ASP A 237 -9.74 7.39 -8.90
C ASP A 237 -9.33 7.06 -10.33
N SER A 238 -8.56 7.93 -10.96
CA SER A 238 -8.18 7.76 -12.35
C SER A 238 -7.46 6.43 -12.63
N THR A 239 -6.81 5.86 -11.60
CA THR A 239 -6.08 4.60 -11.79
C THR A 239 -7.05 3.48 -12.05
N GLN A 240 -8.26 3.61 -11.50
CA GLN A 240 -9.26 2.57 -11.55
C GLN A 240 -8.72 1.26 -10.96
N ALA A 241 -7.82 1.40 -9.97
CA ALA A 241 -7.32 0.28 -9.20
C ALA A 241 -7.98 0.29 -7.82
N ASN A 242 -8.41 -0.87 -7.35
CA ASN A 242 -9.14 -0.91 -6.09
C ASN A 242 -8.20 -0.98 -4.89
N TYR A 243 -6.94 -1.31 -5.14
CA TYR A 243 -5.95 -1.49 -4.07
C TYR A 243 -4.65 -0.74 -4.36
N PHE A 244 -4.04 -0.23 -3.31
CA PHE A 244 -2.78 0.51 -3.42
C PHE A 244 -1.79 -0.01 -2.40
N ARG A 245 -0.51 0.06 -2.74
CA ARG A 245 0.54 -0.48 -1.88
C ARG A 245 1.88 0.13 -2.23
N ILE A 246 2.76 0.18 -1.23
CA ILE A 246 4.12 0.67 -1.38
C ILE A 246 4.18 2.18 -1.71
N PRO A 247 3.81 3.02 -0.74
CA PRO A 247 3.85 4.48 -0.95
C PRO A 247 5.26 5.08 -1.03
N THR A 248 5.39 6.14 -1.81
CA THR A 248 6.60 6.95 -1.82
C THR A 248 6.23 8.41 -1.58
N LEU A 249 7.19 9.19 -1.12
CA LEU A 249 7.02 10.65 -0.97
C LEU A 249 8.36 11.34 -1.20
N TYR A 250 8.32 12.47 -1.90
CA TYR A 250 9.55 13.21 -2.22
C TYR A 250 9.25 14.68 -2.50
N THR A 251 9.77 15.53 -1.63
CA THR A 251 9.60 16.98 -1.69
C THR A 251 10.49 17.61 -2.75
N LEU A 252 9.89 18.02 -3.86
CA LEU A 252 10.64 18.64 -4.93
C LEU A 252 11.11 20.05 -4.55
N SER A 253 12.15 20.55 -5.22
CA SER A 253 12.77 21.82 -4.84
C SER A 253 11.86 23.05 -5.05
N SER A 254 10.97 22.97 -6.05
CA SER A 254 9.94 24.01 -6.22
C SER A 254 8.98 24.08 -5.06
N GLY A 255 8.88 22.98 -4.31
CA GLY A 255 7.99 22.91 -3.17
C GLY A 255 6.86 21.90 -3.40
N ARG A 256 6.74 21.48 -4.66
CA ARG A 256 5.83 20.41 -5.01
C ARG A 256 6.22 19.16 -4.25
N VAL A 257 5.24 18.45 -3.70
CA VAL A 257 5.51 17.17 -3.05
C VAL A 257 4.97 16.08 -3.95
N LEU A 258 5.81 15.09 -4.26
CA LEU A 258 5.48 14.04 -5.21
C LEU A 258 5.31 12.68 -4.53
N SER A 259 4.37 11.89 -5.04
CA SER A 259 4.13 10.56 -4.50
C SER A 259 3.92 9.54 -5.61
N SER A 260 4.61 8.41 -5.50
CA SER A 260 4.33 7.26 -6.36
C SER A 260 3.86 6.08 -5.51
N ILE A 261 3.32 5.07 -6.16
CA ILE A 261 2.67 3.97 -5.46
C ILE A 261 2.33 2.84 -6.42
N ASP A 262 2.13 1.66 -5.88
CA ASP A 262 1.64 0.55 -6.70
C ASP A 262 0.13 0.69 -6.87
N ALA A 263 -0.29 0.87 -8.11
CA ALA A 263 -1.70 0.70 -8.44
C ALA A 263 -1.94 -0.80 -8.64
N ARG A 264 -2.33 -1.48 -7.57
CA ARG A 264 -2.55 -2.92 -7.60
C ARG A 264 -3.99 -3.31 -7.90
N TYR A 265 -4.17 -4.00 -9.03
CA TYR A 265 -5.51 -4.34 -9.52
C TYR A 265 -6.03 -5.71 -9.06
N GLY A 266 -5.17 -6.72 -9.04
CA GLY A 266 -5.55 -8.09 -8.69
C GLY A 266 -5.35 -8.44 -7.21
N GLY A 267 -6.15 -7.81 -6.36
CA GLY A 267 -5.93 -7.80 -4.93
C GLY A 267 -4.72 -6.94 -4.55
N THR A 268 -4.15 -7.22 -3.39
CA THR A 268 -2.93 -6.55 -2.96
C THR A 268 -1.73 -7.48 -3.12
N HIS A 269 -1.89 -8.55 -3.89
CA HIS A 269 -0.76 -9.44 -4.18
C HIS A 269 0.43 -8.71 -4.83
N ASP A 270 1.64 -9.18 -4.56
CA ASP A 270 2.81 -8.83 -5.37
C ASP A 270 2.62 -9.46 -6.77
N SER A 271 3.52 -9.14 -7.70
CA SER A 271 3.59 -9.88 -8.95
C SER A 271 3.80 -11.35 -8.59
N LYS A 272 3.21 -12.29 -9.34
CA LYS A 272 2.44 -12.01 -10.54
C LYS A 272 1.04 -11.45 -10.25
N SER A 273 0.68 -10.44 -11.03
CA SER A 273 -0.61 -9.77 -10.94
C SER A 273 -0.58 -8.67 -11.98
N LYS A 274 -1.57 -7.78 -11.95
CA LYS A 274 -1.47 -6.54 -12.70
C LYS A 274 -1.21 -5.37 -11.74
N ILE A 275 -0.12 -4.65 -11.98
CA ILE A 275 0.21 -3.43 -11.23
C ILE A 275 0.76 -2.35 -12.18
N ASN A 276 0.32 -1.11 -11.95
CA ASN A 276 0.85 0.09 -12.62
C ASN A 276 1.46 1.05 -11.58
N ILE A 277 2.48 1.82 -11.96
CA ILE A 277 2.94 2.88 -11.08
C ILE A 277 2.17 4.18 -11.34
N ALA A 278 1.59 4.74 -10.28
CA ALA A 278 0.81 5.97 -10.41
C ALA A 278 1.46 7.03 -9.56
N THR A 279 1.37 8.27 -10.00
CA THR A 279 1.90 9.38 -9.24
C THR A 279 0.81 10.44 -9.03
N SER A 280 0.92 11.17 -7.92
CA SER A 280 0.11 12.36 -7.64
C SER A 280 1.02 13.40 -6.99
N TYR A 281 0.61 14.67 -6.96
CA TYR A 281 1.42 15.70 -6.30
C TYR A 281 0.57 16.71 -5.55
N SER A 282 1.21 17.44 -4.64
CA SER A 282 0.56 18.47 -3.88
C SER A 282 1.39 19.73 -3.94
N ASP A 283 0.77 20.81 -4.37
CA ASP A 283 1.42 22.12 -4.42
C ASP A 283 1.06 22.94 -3.21
N ASP A 284 0.29 22.37 -2.28
CA ASP A 284 -0.12 23.12 -1.10
C ASP A 284 0.33 22.51 0.24
N ASN A 285 1.55 21.97 0.26
CA ASN A 285 2.12 21.35 1.47
C ASN A 285 1.39 20.10 1.97
N GLY A 286 0.74 19.36 1.08
CA GLY A 286 0.07 18.13 1.45
C GLY A 286 -1.41 18.26 1.77
N LYS A 287 -1.97 19.45 1.54
CA LYS A 287 -3.39 19.71 1.83
C LYS A 287 -4.32 19.15 0.77
N THR A 288 -3.92 19.29 -0.49
CA THR A 288 -4.69 18.74 -1.60
C THR A 288 -3.74 18.05 -2.55
N TRP A 289 -4.27 17.20 -3.42
CA TRP A 289 -3.45 16.33 -4.25
C TRP A 289 -4.11 16.16 -5.59
N SER A 290 -3.30 15.90 -6.60
CA SER A 290 -3.76 15.92 -7.98
C SER A 290 -4.32 14.56 -8.35
N GLU A 291 -5.26 14.55 -9.29
CA GLU A 291 -5.78 13.29 -9.82
C GLU A 291 -4.58 12.59 -10.45
N PRO A 292 -4.40 11.31 -10.11
CA PRO A 292 -3.13 10.64 -10.42
C PRO A 292 -2.99 10.27 -11.88
N ILE A 293 -1.75 10.12 -12.33
CA ILE A 293 -1.46 9.72 -13.70
C ILE A 293 -0.61 8.47 -13.61
N PHE A 294 -0.20 7.91 -14.75
CA PHE A 294 0.67 6.75 -14.72
C PHE A 294 2.10 7.09 -15.07
N ALA A 295 3.02 6.74 -14.18
CA ALA A 295 4.43 6.80 -14.49
C ALA A 295 4.78 5.60 -15.36
N MET A 296 4.33 4.42 -14.93
CA MET A 296 4.66 3.19 -15.61
C MET A 296 3.41 2.36 -15.78
N LYS A 297 3.10 2.01 -17.02
CA LYS A 297 1.88 1.27 -17.27
C LYS A 297 1.98 0.28 -18.43
N PHE A 298 1.23 -0.80 -18.32
CA PHE A 298 1.09 -1.79 -19.38
C PHE A 298 -0.41 -1.93 -19.68
N ASN A 299 -0.73 -2.35 -20.90
CA ASN A 299 -2.12 -2.38 -21.37
C ASN A 299 -2.66 -3.72 -21.86
N ASP A 300 -1.85 -4.77 -21.68
CA ASP A 300 -2.23 -6.13 -22.05
C ASP A 300 -3.51 -6.60 -21.33
N TYR A 301 -3.70 -6.08 -20.12
CA TYR A 301 -4.89 -6.33 -19.34
C TYR A 301 -5.60 -5.02 -19.04
N GLU A 302 -6.92 -5.08 -18.96
CA GLU A 302 -7.73 -3.90 -18.68
C GLU A 302 -7.39 -3.29 -17.31
N GLU A 303 -7.39 -1.96 -17.22
CA GLU A 303 -7.28 -1.27 -15.94
C GLU A 303 -8.63 -1.45 -15.23
N GLN A 304 -8.82 -2.59 -14.58
CA GLN A 304 -10.12 -2.97 -14.04
C GLN A 304 -10.22 -2.69 -12.54
N LEU A 305 -11.39 -2.22 -12.11
CA LEU A 305 -11.61 -2.05 -10.68
C LEU A 305 -12.39 -3.25 -10.13
N VAL A 306 -11.67 -4.21 -9.57
CA VAL A 306 -12.30 -5.44 -9.11
C VAL A 306 -12.47 -5.43 -7.59
N TYR A 307 -13.53 -6.04 -7.12
CA TYR A 307 -13.63 -6.36 -5.70
C TYR A 307 -13.10 -7.79 -5.47
N TRP A 308 -11.88 -7.89 -4.94
CA TRP A 308 -11.16 -9.17 -4.84
C TRP A 308 -11.62 -10.03 -3.64
N PRO A 309 -12.00 -11.30 -3.89
CA PRO A 309 -12.62 -12.06 -2.80
C PRO A 309 -11.72 -12.17 -1.59
N ARG A 310 -12.29 -12.10 -0.39
CA ARG A 310 -11.52 -12.19 0.84
C ARG A 310 -11.77 -13.48 1.62
N ASP A 311 -12.41 -14.44 0.97
CA ASP A 311 -12.68 -15.75 1.57
C ASP A 311 -11.50 -16.69 1.36
N ASN A 312 -11.22 -17.53 2.35
CA ASN A 312 -10.07 -18.44 2.31
C ASN A 312 -9.96 -19.30 1.05
N LYS A 313 -11.09 -19.67 0.48
CA LYS A 313 -11.09 -20.53 -0.68
C LYS A 313 -10.62 -19.82 -1.93
N LEU A 314 -10.83 -18.50 -2.02
CA LEU A 314 -10.52 -17.74 -3.24
C LEU A 314 -9.47 -16.63 -3.11
N LYS A 315 -9.19 -16.20 -1.88
CA LYS A 315 -8.38 -15.00 -1.69
C LYS A 315 -6.98 -15.04 -2.31
N ASN A 316 -6.48 -16.24 -2.61
CA ASN A 316 -5.21 -16.36 -3.32
C ASN A 316 -5.35 -16.49 -4.81
N SER A 317 -6.49 -16.08 -5.34
CA SER A 317 -6.60 -15.92 -6.79
C SER A 317 -5.64 -14.81 -7.22
N GLN A 318 -5.05 -14.97 -8.40
CA GLN A 318 -3.95 -14.13 -8.81
C GLN A 318 -3.99 -14.00 -10.29
N ILE A 319 -4.00 -12.76 -10.79
CA ILE A 319 -3.91 -12.54 -12.22
C ILE A 319 -2.56 -13.10 -12.68
N SER A 320 -2.59 -13.89 -13.74
CA SER A 320 -1.46 -14.77 -14.02
C SER A 320 -0.86 -14.57 -15.40
N GLY A 321 -1.51 -13.78 -16.25
CA GLY A 321 -1.04 -13.59 -17.61
C GLY A 321 -0.64 -12.16 -17.91
N SER A 322 -0.56 -11.36 -16.86
CA SER A 322 -0.34 -9.92 -16.99
C SER A 322 1.12 -9.50 -16.71
N ALA A 323 1.61 -8.51 -17.46
CA ALA A 323 2.85 -7.85 -17.09
C ALA A 323 2.54 -6.87 -15.97
N SER A 324 3.55 -6.48 -15.22
CA SER A 324 3.32 -5.56 -14.12
C SER A 324 4.58 -4.87 -13.64
N PHE A 325 4.40 -3.83 -12.85
CA PHE A 325 5.49 -3.10 -12.24
C PHE A 325 5.34 -3.27 -10.73
N ILE A 326 6.37 -2.96 -9.97
CA ILE A 326 6.30 -3.08 -8.51
C ILE A 326 7.53 -2.45 -7.90
N ASP A 327 7.38 -1.80 -6.75
CA ASP A 327 8.51 -1.11 -6.08
C ASP A 327 9.04 0.14 -6.83
N SER A 328 8.33 1.26 -6.71
CA SER A 328 8.83 2.51 -7.27
C SER A 328 9.74 3.23 -6.28
N SER A 329 10.73 3.94 -6.82
CA SER A 329 11.56 4.84 -6.03
C SER A 329 11.80 6.12 -6.82
N ILE A 330 11.91 7.24 -6.11
CA ILE A 330 11.89 8.57 -6.73
C ILE A 330 13.08 9.42 -6.30
N VAL A 331 13.61 10.21 -7.23
CA VAL A 331 14.66 11.18 -6.90
C VAL A 331 14.58 12.40 -7.83
N GLU A 332 15.04 13.54 -7.33
CA GLU A 332 15.12 14.73 -8.17
C GLU A 332 16.58 15.13 -8.43
N ASP A 333 16.93 15.31 -9.70
CA ASP A 333 18.26 15.72 -10.11
C ASP A 333 18.39 17.24 -10.13
N LYS A 334 19.34 17.78 -9.39
CA LYS A 334 19.56 19.23 -9.31
C LYS A 334 19.93 19.86 -10.65
N LYS A 335 20.80 19.19 -11.40
CA LYS A 335 21.35 19.83 -12.58
C LYS A 335 20.33 20.04 -13.71
N SER A 336 19.82 18.95 -14.25
CA SER A 336 18.96 19.05 -15.42
C SER A 336 17.57 19.49 -14.98
N GLY A 337 17.32 19.37 -13.69
CA GLY A 337 16.03 19.71 -13.11
C GLY A 337 15.01 18.58 -13.15
N LYS A 338 15.31 17.55 -13.95
CA LYS A 338 14.42 16.42 -14.16
C LYS A 338 14.06 15.67 -12.88
N THR A 339 12.94 14.96 -12.93
CA THR A 339 12.60 14.04 -11.86
C THR A 339 12.79 12.61 -12.36
N ILE A 340 13.35 11.76 -11.51
CA ILE A 340 13.65 10.37 -11.91
C ILE A 340 12.93 9.37 -11.02
N LEU A 341 12.33 8.39 -11.66
CA LEU A 341 11.52 7.39 -11.00
C LEU A 341 11.86 6.03 -11.56
N LEU A 342 12.16 5.09 -10.67
CA LEU A 342 12.49 3.73 -11.08
C LEU A 342 11.54 2.73 -10.45
N ALA A 343 11.24 1.65 -11.16
CA ALA A 343 10.44 0.58 -10.56
C ALA A 343 10.87 -0.79 -11.08
N ASP A 344 10.63 -1.84 -10.29
CA ASP A 344 10.85 -3.19 -10.80
C ASP A 344 9.83 -3.47 -11.91
N VAL A 345 10.24 -4.20 -12.92
CA VAL A 345 9.38 -4.50 -14.06
C VAL A 345 9.30 -6.00 -14.16
N MET A 346 8.10 -6.52 -14.43
CA MET A 346 7.88 -7.95 -14.53
C MET A 346 7.13 -8.26 -15.81
N PRO A 347 7.63 -9.26 -16.57
CA PRO A 347 6.86 -9.65 -17.75
C PRO A 347 5.64 -10.47 -17.35
N ALA A 348 4.82 -10.85 -18.32
CA ALA A 348 3.57 -11.55 -18.07
C ALA A 348 3.81 -12.84 -17.26
N GLY A 349 3.08 -12.94 -16.15
CA GLY A 349 3.10 -14.10 -15.30
C GLY A 349 4.22 -14.18 -14.27
N ILE A 350 5.10 -13.17 -14.24
CA ILE A 350 6.34 -13.27 -13.49
C ILE A 350 6.42 -12.39 -12.21
N GLY A 351 7.17 -12.88 -11.22
CA GLY A 351 7.34 -12.20 -9.95
C GLY A 351 8.51 -12.73 -9.18
N ASN A 352 8.62 -12.32 -7.92
CA ASN A 352 9.64 -12.78 -6.96
C ASN A 352 9.98 -14.27 -7.03
N ASN A 353 8.94 -15.09 -6.91
CA ASN A 353 9.11 -16.53 -6.71
C ASN A 353 9.47 -17.36 -7.95
N ASN A 354 9.01 -16.91 -9.11
CA ASN A 354 9.25 -17.64 -10.36
C ASN A 354 10.16 -16.90 -11.36
N ALA A 355 10.86 -15.86 -10.90
CA ALA A 355 11.74 -15.11 -11.80
C ALA A 355 13.02 -15.87 -12.10
N ASN A 356 13.27 -16.10 -13.38
CA ASN A 356 14.43 -16.84 -13.85
C ASN A 356 15.71 -16.25 -13.26
N LYS A 357 16.13 -16.77 -12.11
CA LYS A 357 17.48 -16.51 -11.64
C LYS A 357 18.43 -17.28 -12.56
N ALA A 358 19.72 -16.94 -12.52
CA ALA A 358 20.71 -17.46 -13.46
C ALA A 358 20.57 -16.92 -14.90
N ASP A 359 19.76 -15.88 -15.07
CA ASP A 359 19.67 -15.16 -16.34
C ASP A 359 19.28 -13.71 -16.10
N SER A 360 20.02 -12.79 -16.72
CA SER A 360 19.78 -11.36 -16.60
C SER A 360 18.77 -10.89 -17.63
N GLY A 361 18.60 -11.69 -18.68
CA GLY A 361 17.71 -11.31 -19.76
C GLY A 361 18.46 -10.59 -20.85
N PHE A 362 19.75 -10.36 -20.62
CA PHE A 362 20.59 -9.67 -21.60
C PHE A 362 21.71 -10.55 -22.12
N LYS A 363 22.07 -10.34 -23.38
CA LYS A 363 23.28 -10.96 -23.94
C LYS A 363 24.40 -9.92 -24.14
N GLU A 364 25.56 -10.19 -23.57
CA GLU A 364 26.71 -9.29 -23.69
C GLU A 364 27.61 -9.64 -24.86
N ILE A 365 27.53 -8.84 -25.91
CA ILE A 365 28.37 -9.02 -27.08
C ILE A 365 29.36 -7.87 -27.20
N ASN A 366 30.62 -8.16 -26.88
CA ASN A 366 31.73 -7.20 -26.97
C ASN A 366 31.61 -5.98 -26.05
N GLY A 367 31.37 -6.25 -24.77
CA GLY A 367 31.40 -5.20 -23.76
C GLY A 367 30.04 -4.63 -23.45
N HIS A 368 29.15 -4.64 -24.43
CA HIS A 368 27.82 -4.05 -24.29
C HIS A 368 26.72 -5.09 -24.05
N TYR A 369 25.63 -4.66 -23.43
CA TYR A 369 24.52 -5.54 -23.09
C TYR A 369 23.33 -5.43 -24.05
N TYR A 370 22.80 -6.56 -24.47
CA TYR A 370 21.67 -6.54 -25.40
C TYR A 370 20.50 -7.39 -24.94
N LEU A 371 19.29 -6.82 -25.00
CA LEU A 371 18.06 -7.50 -24.56
C LEU A 371 17.73 -8.75 -25.36
N LYS A 372 17.58 -9.87 -24.66
CA LYS A 372 17.27 -11.14 -25.28
C LYS A 372 15.75 -11.30 -25.49
N LEU A 373 15.38 -11.87 -26.64
CA LEU A 373 13.97 -12.12 -26.95
C LEU A 373 13.77 -13.58 -27.36
N LYS A 374 12.53 -14.05 -27.31
CA LYS A 374 12.22 -15.36 -27.84
C LYS A 374 11.01 -15.29 -28.76
N LYS A 375 11.21 -15.65 -30.03
CA LYS A 375 10.11 -15.67 -30.98
C LYS A 375 9.22 -16.87 -30.75
N ASN A 376 7.92 -16.62 -30.79
CA ASN A 376 6.89 -17.65 -30.72
C ASN A 376 7.23 -18.90 -31.52
N GLY A 377 7.27 -20.04 -30.84
CA GLY A 377 7.57 -21.30 -31.49
C GLY A 377 9.03 -21.75 -31.40
N ASP A 378 9.86 -20.99 -30.70
CA ASP A 378 11.24 -21.39 -30.52
C ASP A 378 11.39 -22.11 -29.18
N ASN A 379 12.52 -22.76 -29.00
CA ASN A 379 12.84 -23.37 -27.71
C ASN A 379 13.86 -22.53 -26.94
N ASP A 380 14.35 -21.48 -27.59
CA ASP A 380 15.41 -20.66 -27.01
C ASP A 380 15.40 -19.21 -27.51
N PHE A 381 16.25 -18.39 -26.88
CA PHE A 381 16.34 -16.97 -27.18
C PHE A 381 17.33 -16.68 -28.32
N ARG A 382 16.89 -16.96 -29.54
CA ARG A 382 17.72 -16.77 -30.73
C ARG A 382 17.60 -15.34 -31.25
N TYR A 383 17.28 -14.41 -30.37
CA TYR A 383 17.12 -13.02 -30.79
C TYR A 383 17.64 -12.03 -29.75
N THR A 384 18.05 -10.87 -30.25
CA THR A 384 18.50 -9.77 -29.40
C THR A 384 17.92 -8.47 -29.91
N VAL A 385 17.99 -7.43 -29.07
CA VAL A 385 17.60 -6.09 -29.47
C VAL A 385 18.81 -5.18 -29.44
N ARG A 386 19.33 -4.83 -30.61
CA ARG A 386 20.49 -3.95 -30.69
C ARG A 386 20.09 -2.48 -30.71
N GLU A 387 21.05 -1.63 -31.08
CA GLU A 387 20.83 -0.18 -31.11
C GLU A 387 19.76 0.18 -32.13
N ASN A 388 19.05 1.27 -31.85
CA ASN A 388 17.95 1.73 -32.68
C ASN A 388 16.82 0.71 -32.83
N GLY A 389 16.86 -0.32 -31.99
CA GLY A 389 15.74 -1.22 -31.82
C GLY A 389 15.81 -2.53 -32.59
N VAL A 390 16.61 -2.54 -33.66
CA VAL A 390 16.62 -3.65 -34.61
C VAL A 390 16.70 -5.05 -33.98
N VAL A 391 15.80 -5.92 -34.42
CA VAL A 391 15.72 -7.26 -33.87
C VAL A 391 16.60 -8.16 -34.70
N TYR A 392 17.61 -8.73 -34.07
CA TYR A 392 18.54 -9.59 -34.77
C TYR A 392 18.30 -11.04 -34.39
N ASN A 393 18.18 -11.89 -35.40
CA ASN A 393 18.28 -13.32 -35.17
C ASN A 393 19.75 -13.62 -34.88
N GLU A 394 20.01 -14.20 -33.72
CA GLU A 394 21.37 -14.55 -33.31
C GLU A 394 21.94 -15.71 -34.11
N THR A 395 21.11 -16.74 -34.32
CA THR A 395 21.55 -18.00 -34.92
C THR A 395 22.17 -17.79 -36.30
N THR A 396 21.70 -16.77 -37.01
CA THR A 396 22.20 -16.47 -38.33
C THR A 396 22.85 -15.09 -38.38
N ASN A 397 22.89 -14.42 -37.23
CA ASN A 397 23.47 -13.07 -37.10
C ASN A 397 22.80 -12.01 -37.98
N LYS A 398 21.78 -12.41 -38.71
CA LYS A 398 21.07 -11.54 -39.63
C LYS A 398 20.04 -10.70 -38.89
N PRO A 399 19.89 -9.43 -39.33
CA PRO A 399 18.81 -8.55 -38.84
C PRO A 399 17.47 -8.96 -39.45
N THR A 400 16.38 -8.78 -38.70
CA THR A 400 15.07 -9.17 -39.21
C THR A 400 14.28 -7.95 -39.66
N ASN A 401 13.04 -8.17 -40.03
CA ASN A 401 12.18 -7.07 -40.46
C ASN A 401 11.47 -6.43 -39.26
N TYR A 402 11.66 -7.02 -38.08
CA TYR A 402 11.08 -6.50 -36.86
C TYR A 402 12.02 -5.55 -36.17
N THR A 403 11.48 -4.52 -35.55
CA THR A 403 12.24 -3.64 -34.68
C THR A 403 11.46 -3.40 -33.40
N ILE A 404 12.11 -2.77 -32.43
CA ILE A 404 11.51 -2.52 -31.12
C ILE A 404 11.49 -1.02 -30.79
N ASN A 405 10.31 -0.41 -30.79
CA ASN A 405 10.18 1.01 -30.49
C ASN A 405 10.53 1.38 -29.03
N ASP A 406 10.50 2.66 -28.73
CA ASP A 406 10.82 3.10 -27.39
CA ASP A 406 10.76 3.18 -27.39
C ASP A 406 9.91 2.49 -26.33
N LYS A 407 8.63 2.28 -26.68
CA LYS A 407 7.67 1.68 -25.76
C LYS A 407 7.76 0.17 -25.67
N TYR A 408 8.91 -0.38 -26.06
CA TYR A 408 9.11 -1.84 -26.10
C TYR A 408 7.97 -2.53 -26.85
N GLU A 409 7.51 -1.88 -27.90
CA GLU A 409 6.51 -2.44 -28.77
C GLU A 409 7.13 -3.05 -30.02
N VAL A 410 6.38 -3.95 -30.65
CA VAL A 410 6.89 -4.66 -31.80
C VAL A 410 6.41 -3.97 -33.04
N LEU A 411 7.31 -3.82 -34.00
CA LEU A 411 6.92 -3.37 -35.31
C LEU A 411 7.36 -4.44 -36.29
N GLU A 412 6.53 -4.74 -37.28
CA GLU A 412 7.03 -5.49 -38.42
C GLU A 412 6.98 -4.61 -39.65
N GLY A 413 8.11 -4.50 -40.34
CA GLY A 413 8.23 -3.61 -41.48
C GLY A 413 7.97 -2.16 -41.14
N GLY A 414 8.13 -1.80 -39.87
CA GLY A 414 7.86 -0.45 -39.41
C GLY A 414 6.38 -0.24 -39.13
N LYS A 415 5.65 -1.35 -39.07
CA LYS A 415 4.23 -1.32 -38.79
C LYS A 415 4.00 -1.99 -37.43
N SER A 416 3.35 -1.28 -36.53
CA SER A 416 3.23 -1.76 -35.17
C SER A 416 2.14 -2.82 -35.07
N LEU A 417 2.52 -3.96 -34.49
CA LEU A 417 1.59 -5.07 -34.31
C LEU A 417 0.76 -4.90 -33.04
N THR A 418 -0.37 -5.60 -33.00
CA THR A 418 -1.27 -5.52 -31.85
C THR A 418 -1.60 -6.92 -31.30
N VAL A 419 -1.81 -7.00 -29.99
CA VAL A 419 -2.44 -8.18 -29.39
C VAL A 419 -3.79 -7.78 -28.79
N GLU A 420 -4.58 -8.77 -28.40
CA GLU A 420 -5.88 -8.53 -27.82
C GLU A 420 -5.77 -8.38 -26.30
N GLN A 421 -6.54 -7.47 -25.74
CA GLN A 421 -6.51 -7.21 -24.31
C GLN A 421 -7.23 -8.31 -23.50
N TYR A 422 -6.86 -8.46 -22.23
CA TYR A 422 -7.52 -9.42 -21.35
C TYR A 422 -8.27 -8.67 -20.26
N SER A 423 -9.36 -9.28 -19.81
CA SER A 423 -10.08 -8.81 -18.63
C SER A 423 -10.25 -10.00 -17.71
N VAL A 424 -10.53 -9.71 -16.44
CA VAL A 424 -10.76 -10.77 -15.47
C VAL A 424 -12.13 -10.65 -14.82
N ASP A 425 -12.68 -11.77 -14.38
CA ASP A 425 -13.96 -11.78 -13.68
C ASP A 425 -14.05 -13.00 -12.78
N PHE A 426 -14.99 -12.96 -11.86
CA PHE A 426 -15.25 -14.09 -10.99
C PHE A 426 -16.68 -14.59 -11.21
N ASP A 427 -17.22 -14.36 -12.41
CA ASP A 427 -18.60 -14.71 -12.69
C ASP A 427 -18.84 -16.21 -12.64
N SER A 428 -17.86 -16.99 -13.09
CA SER A 428 -17.98 -18.43 -13.10
C SER A 428 -17.76 -18.97 -11.69
N GLY A 429 -17.31 -18.11 -10.80
CA GLY A 429 -17.04 -18.53 -9.44
C GLY A 429 -15.56 -18.67 -9.12
N SER A 430 -14.71 -18.86 -10.13
CA SER A 430 -13.27 -18.77 -9.93
C SER A 430 -12.76 -17.56 -10.73
N LEU A 431 -11.46 -17.27 -10.64
CA LEU A 431 -10.91 -16.23 -11.48
C LEU A 431 -10.83 -16.71 -12.92
N ARG A 432 -11.22 -15.85 -13.83
CA ARG A 432 -11.23 -16.17 -15.25
C ARG A 432 -10.59 -15.01 -16.00
N GLU A 433 -9.61 -15.33 -16.85
CA GLU A 433 -8.94 -14.29 -17.61
C GLU A 433 -9.24 -14.46 -19.09
N ARG A 434 -9.97 -13.52 -19.68
CA ARG A 434 -10.40 -13.71 -21.06
C ARG A 434 -10.28 -12.48 -21.96
N HIS A 435 -9.96 -12.74 -23.23
CA HIS A 435 -9.89 -11.71 -24.27
C HIS A 435 -11.14 -10.84 -24.34
N ASN A 436 -10.94 -9.53 -24.30
CA ASN A 436 -12.06 -8.59 -24.24
C ASN A 436 -12.37 -7.92 -25.58
N GLY A 437 -11.77 -8.45 -26.64
CA GLY A 437 -12.05 -7.97 -27.98
C GLY A 437 -11.53 -6.58 -28.28
N LYS A 438 -10.51 -6.13 -27.54
CA LYS A 438 -9.92 -4.81 -27.74
C LYS A 438 -8.44 -4.97 -28.04
N GLN A 439 -7.99 -4.40 -29.16
CA GLN A 439 -6.60 -4.50 -29.57
C GLN A 439 -5.78 -3.52 -28.75
N VAL A 440 -4.53 -3.88 -28.47
CA VAL A 440 -3.54 -2.97 -27.89
C VAL A 440 -2.20 -3.29 -28.53
N PRO A 441 -1.30 -2.29 -28.61
CA PRO A 441 -0.01 -2.50 -29.27
C PRO A 441 0.75 -3.68 -28.69
N MET A 442 1.40 -4.48 -29.53
CA MET A 442 2.17 -5.63 -29.04
C MET A 442 3.42 -5.21 -28.26
N ASN A 443 3.59 -5.76 -27.06
CA ASN A 443 4.69 -5.41 -26.18
C ASN A 443 5.47 -6.64 -25.79
N VAL A 444 6.79 -6.56 -25.88
CA VAL A 444 7.65 -7.73 -25.65
C VAL A 444 7.59 -8.29 -24.22
N PHE A 445 6.84 -7.62 -23.34
CA PHE A 445 6.62 -8.13 -21.99
C PHE A 445 5.29 -8.86 -21.89
N TYR A 446 4.50 -8.83 -22.95
CA TYR A 446 3.15 -9.43 -22.87
C TYR A 446 3.18 -10.93 -23.12
N LYS A 447 2.07 -11.59 -22.83
CA LYS A 447 1.98 -13.03 -23.06
C LYS A 447 1.77 -13.35 -24.53
N ASP A 448 0.97 -12.54 -25.20
CA ASP A 448 0.55 -12.82 -26.57
C ASP A 448 1.48 -12.22 -27.61
N SER A 449 2.61 -11.71 -27.15
CA SER A 449 3.59 -11.08 -28.04
C SER A 449 4.25 -12.14 -28.92
N LEU A 450 4.51 -11.78 -30.16
CA LEU A 450 5.34 -12.58 -31.06
C LEU A 450 6.78 -12.69 -30.52
N PHE A 451 7.24 -11.62 -29.88
CA PHE A 451 8.57 -11.58 -29.28
C PHE A 451 8.48 -11.32 -27.79
N LYS A 452 9.15 -12.18 -27.01
CA LYS A 452 9.04 -12.16 -25.55
C LYS A 452 10.38 -12.02 -24.89
N VAL A 453 10.44 -11.18 -23.87
CA VAL A 453 11.64 -11.06 -23.03
C VAL A 453 11.85 -12.30 -22.16
N THR A 454 13.01 -12.36 -21.51
CA THR A 454 13.34 -13.45 -20.59
C THR A 454 12.50 -13.34 -19.33
N PRO A 455 11.84 -14.43 -18.96
CA PRO A 455 10.96 -14.49 -17.79
C PRO A 455 11.70 -14.26 -16.47
N THR A 456 12.20 -13.03 -16.26
CA THR A 456 12.83 -12.67 -14.99
C THR A 456 12.54 -11.23 -14.64
N ASN A 457 13.07 -10.79 -13.50
CA ASN A 457 12.89 -9.42 -13.03
C ASN A 457 13.84 -8.37 -13.65
N TYR A 458 13.29 -7.19 -13.96
CA TYR A 458 14.07 -6.10 -14.53
C TYR A 458 13.93 -4.82 -13.69
N ILE A 459 14.67 -3.78 -14.09
CA ILE A 459 14.54 -2.46 -13.49
C ILE A 459 14.47 -1.42 -14.61
N ALA A 460 13.50 -0.51 -14.48
CA ALA A 460 13.28 0.53 -15.48
C ALA A 460 13.29 1.90 -14.85
N MET A 461 13.68 2.92 -15.62
CA MET A 461 13.47 4.31 -15.20
C MET A 461 12.56 5.07 -16.16
N THR A 462 11.97 6.15 -15.64
CA THR A 462 11.24 7.10 -16.45
C THR A 462 11.67 8.46 -15.93
N THR A 463 11.45 9.50 -16.75
CA THR A 463 11.72 10.86 -16.29
C THR A 463 10.55 11.78 -16.58
N SER A 464 10.32 12.71 -15.67
CA SER A 464 9.39 13.80 -15.91
C SER A 464 10.15 15.12 -16.08
N GLN A 465 9.73 15.92 -17.05
CA GLN A 465 10.30 17.25 -17.24
C GLN A 465 9.43 18.32 -16.58
N ASN A 466 8.28 17.90 -16.05
CA ASN A 466 7.31 18.82 -15.50
C ASN A 466 6.87 18.47 -14.07
N ARG A 467 7.80 17.89 -13.33
CA ARG A 467 7.58 17.57 -11.92
C ARG A 467 6.30 16.80 -11.70
N GLY A 468 6.11 15.75 -12.50
CA GLY A 468 5.03 14.81 -12.26
C GLY A 468 3.71 15.11 -12.94
N GLU A 469 3.76 15.91 -13.99
CA GLU A 469 2.57 16.16 -14.76
C GLU A 469 2.53 15.23 -15.97
N SER A 470 3.69 14.78 -16.40
CA SER A 470 3.78 13.70 -17.38
C SER A 470 5.09 12.89 -17.19
N TRP A 471 5.13 11.69 -17.75
CA TRP A 471 6.31 10.85 -17.61
C TRP A 471 6.69 10.26 -18.95
N GLU A 472 7.97 10.35 -19.30
CA GLU A 472 8.48 9.77 -20.53
C GLU A 472 8.31 8.27 -20.51
N GLN A 473 8.39 7.67 -21.69
CA GLN A 473 8.45 6.22 -21.83
C GLN A 473 9.66 5.64 -21.08
N PHE A 474 9.41 4.55 -20.35
CA PHE A 474 10.44 3.96 -19.50
C PHE A 474 11.53 3.30 -20.31
N LYS A 475 12.71 3.24 -19.71
CA LYS A 475 13.83 2.58 -20.33
C LYS A 475 14.43 1.55 -19.37
N LEU A 476 14.74 0.36 -19.89
CA LEU A 476 15.41 -0.66 -19.07
C LEU A 476 16.84 -0.27 -18.69
N LEU A 477 17.15 -0.41 -17.42
CA LEU A 477 18.54 -0.37 -16.94
C LEU A 477 19.28 -1.64 -17.39
N PRO A 478 20.59 -1.53 -17.63
CA PRO A 478 21.40 -2.69 -18.03
C PRO A 478 21.66 -3.59 -16.83
N PRO A 479 22.22 -4.80 -17.05
CA PRO A 479 22.58 -5.61 -15.88
C PRO A 479 23.82 -5.03 -15.16
N PHE A 480 24.02 -5.44 -13.91
CA PHE A 480 25.14 -4.98 -13.10
C PHE A 480 25.92 -6.15 -12.51
N LEU A 481 25.21 -7.23 -12.20
CA LEU A 481 25.82 -8.39 -11.55
C LEU A 481 26.07 -9.53 -12.54
N GLY A 482 26.11 -9.19 -13.82
CA GLY A 482 26.49 -10.17 -14.83
C GLY A 482 25.39 -10.66 -15.74
N GLU A 483 25.83 -11.12 -16.90
CA GLU A 483 24.95 -11.70 -17.91
C GLU A 483 24.14 -12.87 -17.32
N LYS A 484 24.75 -13.65 -16.42
CA LYS A 484 24.09 -14.84 -15.92
C LYS A 484 23.64 -14.73 -14.46
N HIS A 485 22.99 -13.62 -14.13
CA HIS A 485 22.41 -13.41 -12.81
C HIS A 485 21.18 -12.58 -13.02
N ASN A 486 20.07 -12.95 -12.39
CA ASN A 486 18.89 -12.11 -12.45
C ASN A 486 19.26 -10.77 -11.81
N GLY A 487 18.77 -9.67 -12.39
CA GLY A 487 19.09 -8.36 -11.86
C GLY A 487 18.62 -8.18 -10.42
N THR A 488 19.11 -7.13 -9.77
CA THR A 488 18.71 -6.85 -8.40
C THR A 488 17.26 -6.40 -8.22
N TYR A 489 16.90 -6.07 -6.98
CA TYR A 489 15.56 -5.61 -6.64
C TYR A 489 15.55 -4.16 -6.10
N LEU A 490 14.82 -3.27 -6.78
CA LEU A 490 14.74 -1.89 -6.33
C LEU A 490 14.18 -1.74 -4.92
N CYS A 491 14.88 -0.98 -4.08
CA CYS A 491 14.35 -0.60 -2.77
C CYS A 491 13.35 0.56 -2.93
N PRO A 492 12.08 0.32 -2.59
CA PRO A 492 11.02 1.31 -2.77
C PRO A 492 11.11 2.51 -1.81
N GLY A 493 11.00 3.71 -2.35
CA GLY A 493 11.01 4.91 -1.52
C GLY A 493 11.59 6.11 -2.24
N GLN A 494 12.79 6.51 -1.81
CA GLN A 494 13.51 7.61 -2.41
C GLN A 494 14.90 7.16 -2.81
N GLY A 495 15.44 7.79 -3.86
CA GLY A 495 16.85 7.71 -4.13
C GLY A 495 17.46 8.76 -3.23
N LEU A 496 18.78 8.84 -3.17
CA LEU A 496 19.41 9.99 -2.53
C LEU A 496 20.04 10.88 -3.59
N ALA A 497 19.75 12.17 -3.51
CA ALA A 497 20.50 13.16 -4.31
C ALA A 497 21.46 13.83 -3.35
N LEU A 498 22.76 13.67 -3.58
CA LEU A 498 23.75 14.20 -2.66
C LEU A 498 23.81 15.70 -2.77
N LYS A 499 23.72 16.37 -1.63
CA LYS A 499 23.45 17.80 -1.58
C LYS A 499 24.60 18.65 -2.10
N SER A 500 25.79 18.05 -2.21
CA SER A 500 26.96 18.82 -2.57
C SER A 500 27.62 18.34 -3.87
N SER A 501 26.98 17.40 -4.57
CA SER A 501 27.46 16.99 -5.90
C SER A 501 26.30 16.81 -6.87
N ASN A 502 26.55 16.17 -8.01
CA ASN A 502 25.47 15.85 -8.94
C ASN A 502 25.04 14.39 -8.83
N ARG A 503 25.62 13.70 -7.85
CA ARG A 503 25.44 12.27 -7.68
C ARG A 503 24.05 11.82 -7.28
N LEU A 504 23.48 10.93 -8.09
CA LEU A 504 22.19 10.34 -7.84
C LEU A 504 22.39 8.88 -7.44
N ILE A 505 21.75 8.44 -6.35
CA ILE A 505 21.93 7.07 -5.89
C ILE A 505 20.62 6.34 -5.64
N PHE A 506 20.44 5.19 -6.30
CA PHE A 506 19.30 4.33 -6.00
C PHE A 506 19.73 3.00 -5.37
N ALA A 507 19.27 2.75 -4.16
CA ALA A 507 19.51 1.49 -3.48
C ALA A 507 18.69 0.34 -4.07
N THR A 508 19.37 -0.77 -4.38
CA THR A 508 18.72 -2.03 -4.70
C THR A 508 19.33 -3.16 -3.85
N TYR A 509 18.68 -4.32 -3.86
CA TYR A 509 19.17 -5.46 -3.09
C TYR A 509 19.10 -6.75 -3.89
N THR A 510 20.02 -7.65 -3.60
CA THR A 510 19.90 -9.02 -4.07
C THR A 510 20.43 -9.91 -2.96
N SER A 511 20.69 -11.17 -3.27
CA SER A 511 21.17 -12.10 -2.26
C SER A 511 22.58 -11.71 -1.83
N GLY A 512 22.78 -11.55 -0.52
CA GLY A 512 24.09 -11.25 0.02
C GLY A 512 24.55 -9.80 0.05
N GLU A 513 23.89 -8.90 -0.71
CA GLU A 513 24.37 -7.52 -0.81
C GLU A 513 23.36 -6.42 -1.17
N LEU A 514 23.65 -5.21 -0.70
CA LEU A 514 23.02 -4.01 -1.18
C LEU A 514 23.78 -3.57 -2.42
N THR A 515 23.08 -3.49 -3.55
CA THR A 515 23.70 -3.04 -4.78
C THR A 515 23.31 -1.60 -5.08
N TYR A 516 24.12 -0.65 -4.65
CA TYR A 516 23.79 0.74 -4.88
C TYR A 516 23.98 1.06 -6.34
N LEU A 517 23.11 1.92 -6.88
CA LEU A 517 23.21 2.36 -8.27
C LEU A 517 23.49 3.86 -8.38
N ILE A 518 24.70 4.15 -8.84
CA ILE A 518 25.19 5.50 -8.85
C ILE A 518 25.22 6.04 -10.28
N SER A 519 24.71 7.26 -10.43
CA SER A 519 24.84 8.03 -11.67
C SER A 519 25.34 9.41 -11.34
N ASP A 520 26.27 9.91 -12.13
CA ASP A 520 26.73 11.28 -11.96
C ASP A 520 26.33 12.18 -13.13
N ASP A 521 25.50 11.67 -14.03
CA ASP A 521 25.17 12.40 -15.25
C ASP A 521 23.68 12.44 -15.54
N SER A 522 22.89 12.80 -14.53
CA SER A 522 21.44 12.85 -14.67
C SER A 522 20.84 11.48 -15.03
N GLY A 523 21.35 10.43 -14.41
CA GLY A 523 20.86 9.09 -14.67
C GLY A 523 20.99 8.63 -16.11
N GLN A 524 21.91 9.24 -16.85
CA GLN A 524 22.13 8.82 -18.24
C GLN A 524 23.01 7.57 -18.26
N THR A 525 23.89 7.46 -17.28
CA THR A 525 24.70 6.28 -17.10
C THR A 525 24.77 5.92 -15.62
N TRP A 526 24.98 4.64 -15.36
CA TRP A 526 24.90 4.10 -14.02
C TRP A 526 26.08 3.21 -13.74
N LYS A 527 26.53 3.20 -12.49
CA LYS A 527 27.50 2.21 -12.03
C LYS A 527 27.03 1.68 -10.68
N LYS A 528 27.54 0.52 -10.30
CA LYS A 528 27.07 -0.13 -9.09
C LYS A 528 28.13 -0.10 -8.02
N SER A 529 27.71 0.17 -6.79
CA SER A 529 28.60 0.01 -5.66
C SER A 529 28.02 -1.07 -4.75
N SER A 530 28.67 -2.22 -4.73
CA SER A 530 28.21 -3.34 -3.92
C SER A 530 28.64 -3.23 -2.46
N ALA A 531 27.81 -3.78 -1.58
CA ALA A 531 28.09 -3.74 -0.15
C ALA A 531 27.49 -4.97 0.52
N SER A 532 28.36 -5.90 0.87
CA SER A 532 27.94 -7.15 1.48
C SER A 532 27.16 -6.92 2.77
N ILE A 533 26.20 -7.80 3.00
CA ILE A 533 25.45 -7.85 4.23
C ILE A 533 25.45 -9.29 4.70
N PRO A 534 25.40 -9.51 6.01
CA PRO A 534 25.45 -10.89 6.53
C PRO A 534 24.16 -11.70 6.31
N PHE A 535 23.53 -11.53 5.15
CA PHE A 535 22.19 -12.07 4.92
C PHE A 535 22.00 -12.73 3.57
N LYS A 536 21.41 -13.92 3.59
CA LYS A 536 20.94 -14.56 2.36
C LYS A 536 19.41 -14.56 2.31
N ASN A 537 18.89 -14.36 1.10
CA ASN A 537 17.46 -14.19 0.85
C ASN A 537 16.73 -13.25 1.84
N ALA A 538 17.24 -12.03 1.93
CA ALA A 538 16.54 -11.00 2.69
C ALA A 538 15.87 -10.05 1.72
N THR A 539 14.73 -9.53 2.13
CA THR A 539 14.14 -8.42 1.43
C THR A 539 14.83 -7.20 2.00
N ALA A 540 16.09 -7.01 1.61
CA ALA A 540 16.91 -5.97 2.19
C ALA A 540 16.53 -4.61 1.63
N GLU A 541 15.30 -4.20 1.89
CA GLU A 541 14.83 -2.90 1.45
C GLU A 541 15.58 -1.83 2.24
N ALA A 542 16.33 -1.00 1.51
CA ALA A 542 17.27 -0.06 2.10
C ALA A 542 16.87 1.38 1.81
N GLN A 543 17.02 2.25 2.80
CA GLN A 543 16.84 3.67 2.56
C GLN A 543 17.97 4.50 3.17
N MET A 544 18.31 5.61 2.53
CA MET A 544 19.50 6.37 2.93
C MET A 544 19.18 7.79 3.40
N VAL A 545 19.97 8.28 4.34
CA VAL A 545 19.98 9.70 4.68
C VAL A 545 21.40 10.27 4.54
N GLU A 546 21.52 11.56 4.27
CA GLU A 546 22.85 12.19 4.26
C GLU A 546 23.10 12.93 5.58
N LEU A 547 23.96 12.36 6.42
CA LEU A 547 24.27 12.95 7.73
C LEU A 547 25.06 14.25 7.61
N ARG A 548 26.04 14.25 6.72
CA ARG A 548 26.70 15.48 6.29
C ARG A 548 27.33 15.16 4.94
N ASP A 549 27.83 16.20 4.26
CA ASP A 549 28.31 16.07 2.87
C ASP A 549 29.19 14.84 2.62
N GLY A 550 28.65 13.90 1.87
CA GLY A 550 29.41 12.72 1.46
C GLY A 550 29.29 11.56 2.43
N VAL A 551 28.56 11.78 3.53
CA VAL A 551 28.35 10.74 4.53
C VAL A 551 26.94 10.17 4.46
N ILE A 552 26.79 9.03 3.80
CA ILE A 552 25.49 8.37 3.64
C ILE A 552 25.31 7.26 4.66
N ARG A 553 24.26 7.32 5.48
CA ARG A 553 23.89 6.15 6.26
C ARG A 553 22.62 5.55 5.72
N THR A 554 22.67 4.23 5.53
CA THR A 554 21.54 3.52 4.98
C THR A 554 20.90 2.62 6.03
N PHE A 555 19.60 2.79 6.27
CA PHE A 555 18.87 1.89 7.14
C PHE A 555 18.17 0.83 6.30
N PHE A 556 18.21 -0.41 6.75
CA PHE A 556 17.57 -1.47 5.99
C PHE A 556 16.94 -2.63 6.77
N ARG A 557 16.04 -3.31 6.08
CA ARG A 557 15.22 -4.39 6.61
C ARG A 557 16.01 -5.68 6.63
N THR A 558 15.89 -6.45 7.71
CA THR A 558 16.67 -7.68 7.82
C THR A 558 15.82 -8.90 8.12
N THR A 559 16.48 -9.97 8.54
CA THR A 559 15.82 -11.22 8.86
C THR A 559 16.05 -11.57 10.34
N THR A 560 16.68 -10.64 11.07
CA THR A 560 17.08 -10.86 12.47
C THR A 560 16.16 -10.21 13.49
N GLY A 561 15.16 -9.47 13.01
CA GLY A 561 14.25 -8.76 13.90
C GLY A 561 14.71 -7.36 14.25
N LYS A 562 15.96 -7.04 13.93
CA LYS A 562 16.48 -5.71 14.17
C LYS A 562 16.79 -4.98 12.86
N ILE A 563 16.41 -3.71 12.78
CA ILE A 563 16.81 -2.86 11.67
C ILE A 563 18.33 -2.71 11.64
N ALA A 564 18.93 -2.86 10.46
CA ALA A 564 20.38 -2.72 10.28
C ALA A 564 20.77 -1.34 9.80
N TYR A 565 22.08 -1.08 9.71
CA TYR A 565 22.57 0.13 9.06
C TYR A 565 24.04 0.00 8.66
N MET A 566 24.42 0.76 7.63
CA MET A 566 25.81 0.84 7.21
C MET A 566 26.16 2.30 6.91
N THR A 567 27.38 2.55 6.46
CA THR A 567 27.83 3.93 6.30
C THR A 567 28.82 4.11 5.16
N SER A 568 28.60 5.12 4.33
CA SER A 568 29.56 5.53 3.32
C SER A 568 30.06 6.94 3.60
N ARG A 569 31.34 7.16 3.33
CA ARG A 569 31.97 8.46 3.56
C ARG A 569 32.73 8.95 2.35
N ASP A 570 32.56 8.27 1.21
CA ASP A 570 33.06 8.72 -0.07
C ASP A 570 31.88 8.95 -1.01
N SER A 571 30.83 9.58 -0.49
CA SER A 571 29.61 9.85 -1.27
C SER A 571 29.09 8.62 -2.00
N GLY A 572 29.24 7.46 -1.34
CA GLY A 572 28.69 6.20 -1.84
C GLY A 572 29.67 5.24 -2.51
N GLU A 573 30.94 5.61 -2.55
CA GLU A 573 31.93 4.78 -3.23
C GLU A 573 32.21 3.48 -2.47
N THR A 574 32.40 3.57 -1.16
CA THR A 574 32.61 2.38 -0.34
C THR A 574 31.74 2.35 0.90
N TRP A 575 31.53 1.16 1.43
CA TRP A 575 30.59 0.98 2.53
C TRP A 575 31.14 0.21 3.72
N SER A 576 30.67 0.61 4.90
CA SER A 576 31.07 0.01 6.16
C SER A 576 30.44 -1.36 6.34
N LYS A 577 30.89 -2.08 7.37
CA LYS A 577 30.24 -3.31 7.81
C LYS A 577 28.90 -2.95 8.41
N VAL A 578 28.11 -3.97 8.69
CA VAL A 578 26.72 -3.75 9.11
C VAL A 578 26.57 -3.72 10.63
N SER A 579 25.69 -2.85 11.10
CA SER A 579 25.37 -2.73 12.51
C SER A 579 23.86 -2.76 12.66
N TYR A 580 23.38 -2.78 13.90
CA TYR A 580 21.95 -2.89 14.15
C TYR A 580 21.47 -1.88 15.17
N ILE A 581 20.21 -1.49 15.05
CA ILE A 581 19.60 -0.56 15.97
C ILE A 581 18.96 -1.30 17.14
N ASP A 582 19.09 -0.74 18.33
CA ASP A 582 18.41 -1.28 19.50
C ASP A 582 17.29 -0.32 19.87
N GLY A 583 16.19 -0.84 20.37
CA GLY A 583 15.09 -0.01 20.83
C GLY A 583 13.93 0.04 19.85
N ILE A 584 14.17 -0.45 18.64
CA ILE A 584 13.11 -0.65 17.67
C ILE A 584 12.98 -2.15 17.39
N GLN A 585 11.76 -2.65 17.30
CA GLN A 585 11.58 -4.08 17.04
C GLN A 585 10.83 -4.36 15.76
N GLN A 586 11.31 -5.34 15.01
CA GLN A 586 10.56 -5.86 13.88
C GLN A 586 10.39 -7.36 13.97
N THR A 587 9.45 -7.87 13.18
CA THR A 587 9.17 -9.28 13.12
C THR A 587 10.28 -9.92 12.32
N SER A 588 10.36 -11.25 12.34
CA SER A 588 11.44 -11.97 11.65
C SER A 588 11.56 -11.66 10.14
N TYR A 589 10.42 -11.56 9.46
CA TYR A 589 10.42 -11.32 8.02
C TYR A 589 10.64 -9.84 7.73
N GLY A 590 10.38 -9.02 8.75
CA GLY A 590 10.64 -7.59 8.71
C GLY A 590 9.77 -6.77 7.77
N THR A 591 9.99 -5.45 7.76
CA THR A 591 9.19 -4.50 6.97
C THR A 591 10.06 -3.34 6.48
N GLN A 592 9.66 -2.74 5.36
CA GLN A 592 10.34 -1.57 4.83
C GLN A 592 10.41 -0.43 5.83
N VAL A 593 11.53 0.30 5.82
CA VAL A 593 11.71 1.42 6.73
C VAL A 593 12.07 2.70 5.95
N SER A 594 11.40 3.80 6.28
CA SER A 594 11.69 5.04 5.59
C SER A 594 12.45 5.99 6.49
N ALA A 595 13.33 6.79 5.90
CA ALA A 595 14.25 7.61 6.69
C ALA A 595 14.51 8.96 6.03
N ILE A 596 14.63 10.00 6.83
CA ILE A 596 14.94 11.34 6.29
C ILE A 596 15.86 12.16 7.17
N LYS A 597 16.52 13.12 6.52
CA LYS A 597 17.37 14.07 7.20
C LYS A 597 16.55 15.32 7.47
N TYR A 598 16.30 15.60 8.74
CA TYR A 598 15.49 16.78 9.06
C TYR A 598 16.35 18.01 8.83
N SER A 599 15.80 19.00 8.15
CA SER A 599 16.55 20.21 7.82
C SER A 599 16.94 20.99 9.07
N GLN A 600 16.14 20.85 10.12
CA GLN A 600 16.32 21.70 11.30
C GLN A 600 16.98 20.97 12.46
N LEU A 601 17.59 21.75 13.33
CA LEU A 601 18.26 21.21 14.50
C LEU A 601 17.25 21.00 15.59
N ILE A 602 17.37 19.87 16.26
CA ILE A 602 16.48 19.52 17.35
C ILE A 602 17.31 19.24 18.60
N ASP A 603 17.00 19.93 19.68
CA ASP A 603 17.80 19.84 20.90
C ASP A 603 19.23 20.24 20.59
N GLY A 604 19.39 21.14 19.62
CA GLY A 604 20.69 21.58 19.17
C GLY A 604 21.48 20.60 18.30
N LYS A 605 20.90 19.44 17.97
CA LYS A 605 21.65 18.42 17.22
C LYS A 605 21.04 18.02 15.88
N GLU A 606 21.89 17.52 14.98
CA GLU A 606 21.47 17.07 13.66
C GLU A 606 20.43 15.97 13.84
N ALA A 607 19.34 16.05 13.08
CA ALA A 607 18.24 15.12 13.30
C ALA A 607 17.93 14.20 12.12
N VAL A 608 17.85 12.90 12.42
CA VAL A 608 17.40 11.88 11.48
C VAL A 608 16.03 11.32 11.95
N ILE A 609 15.14 11.04 11.01
CA ILE A 609 13.82 10.50 11.36
C ILE A 609 13.54 9.13 10.69
N LEU A 610 13.05 8.17 11.49
CA LEU A 610 12.78 6.80 11.04
C LEU A 610 11.31 6.38 11.12
N SER A 611 10.78 5.83 10.04
CA SER A 611 9.38 5.39 9.99
C SER A 611 9.26 3.88 9.79
N THR A 612 8.58 3.23 10.71
CA THR A 612 8.60 1.77 10.77
C THR A 612 7.58 1.25 11.79
N PRO A 613 7.08 0.03 11.58
CA PRO A 613 6.40 -0.66 12.67
C PRO A 613 7.38 -0.93 13.81
N ASN A 614 6.96 -0.74 15.06
CA ASN A 614 7.72 -1.22 16.21
C ASN A 614 6.98 -2.40 16.86
N SER A 615 7.20 -3.60 16.33
CA SER A 615 6.54 -4.78 16.87
C SER A 615 7.30 -6.04 16.46
N ARG A 616 7.38 -7.02 17.37
CA ARG A 616 7.99 -8.28 17.03
C ARG A 616 6.94 -9.31 16.58
N SER A 617 5.66 -8.96 16.74
CA SER A 617 4.54 -9.86 16.45
C SER A 617 3.96 -9.72 15.02
N GLY A 618 3.73 -8.49 14.61
CA GLY A 618 3.29 -8.25 13.25
C GLY A 618 3.59 -6.85 12.82
N ARG A 619 2.93 -6.43 11.74
CA ARG A 619 3.12 -5.09 11.20
C ARG A 619 2.09 -4.11 11.78
N LYS A 620 2.41 -3.62 12.98
CA LYS A 620 1.53 -2.74 13.74
C LYS A 620 2.42 -1.94 14.68
N GLY A 621 1.81 -1.09 15.50
CA GLY A 621 2.57 -0.23 16.38
C GLY A 621 3.51 0.69 15.61
N GLY A 622 2.94 1.44 14.67
CA GLY A 622 3.71 2.34 13.84
C GLY A 622 4.45 3.36 14.65
N GLN A 623 5.61 3.78 14.16
CA GLN A 623 6.38 4.81 14.85
C GLN A 623 7.18 5.73 13.94
N LEU A 624 7.28 6.97 14.39
CA LEU A 624 8.25 7.90 13.88
C LEU A 624 9.22 8.02 15.02
N VAL A 625 10.49 7.69 14.76
CA VAL A 625 11.53 7.73 15.79
C VAL A 625 12.62 8.73 15.40
N VAL A 626 12.85 9.70 16.29
CA VAL A 626 13.73 10.84 16.00
C VAL A 626 15.09 10.62 16.65
N GLY A 627 16.15 10.74 15.85
CA GLY A 627 17.49 10.53 16.33
C GLY A 627 18.44 11.72 16.18
N LEU A 628 19.14 12.04 17.25
CA LEU A 628 20.14 13.10 17.21
C LEU A 628 21.53 12.49 16.98
N VAL A 629 22.29 13.08 16.05
CA VAL A 629 23.61 12.58 15.69
C VAL A 629 24.71 13.15 16.58
N ASN A 630 25.71 12.32 16.87
CA ASN A 630 26.89 12.74 17.61
C ASN A 630 27.96 13.22 16.65
N LYS A 631 28.20 14.53 16.62
CA LYS A 631 29.20 15.11 15.73
C LYS A 631 30.60 14.54 15.94
N GLU A 632 30.79 13.85 17.06
CA GLU A 632 32.06 13.22 17.38
C GLU A 632 32.30 11.93 16.61
N ASP A 633 31.28 11.07 16.52
CA ASP A 633 31.48 9.73 15.95
C ASP A 633 30.42 9.31 14.92
N ASP A 634 29.49 10.21 14.61
CA ASP A 634 28.36 9.91 13.73
C ASP A 634 27.43 8.83 14.27
N SER A 635 27.31 8.74 15.59
CA SER A 635 26.37 7.80 16.19
C SER A 635 25.05 8.52 16.43
N ILE A 636 23.96 7.78 16.31
CA ILE A 636 22.64 8.38 16.41
C ILE A 636 22.01 7.94 17.71
N ASP A 637 21.52 8.89 18.50
CA ASP A 637 20.81 8.56 19.74
CA ASP A 637 20.82 8.55 19.73
C ASP A 637 19.31 8.68 19.56
N TRP A 638 18.64 7.53 19.53
CA TRP A 638 17.20 7.52 19.29
C TRP A 638 16.44 8.02 20.51
N LYS A 639 16.01 9.29 20.45
CA LYS A 639 15.56 10.02 21.63
C LYS A 639 14.04 10.13 21.76
N TYR A 640 13.35 10.21 20.63
CA TYR A 640 11.89 10.35 20.65
C TYR A 640 11.18 9.31 19.81
N HIS A 641 10.22 8.61 20.41
CA HIS A 641 9.41 7.65 19.68
C HIS A 641 8.03 8.27 19.61
N TYR A 642 7.47 8.37 18.41
CA TYR A 642 6.08 8.78 18.29
C TYR A 642 5.22 7.67 17.67
N ASP A 643 4.25 7.22 18.45
CA ASP A 643 3.28 6.25 18.00
C ASP A 643 2.31 6.90 17.01
N ILE A 644 2.33 6.43 15.75
CA ILE A 644 1.38 6.91 14.74
C ILE A 644 -0.09 6.64 15.15
N ASP A 645 -0.32 5.48 15.77
CA ASP A 645 -1.62 5.07 16.26
C ASP A 645 -1.33 4.01 17.33
N LEU A 646 -2.38 3.40 17.88
CA LEU A 646 -2.22 2.30 18.86
C LEU A 646 -1.19 1.24 18.46
N PRO A 647 -0.52 0.66 19.46
CA PRO A 647 0.43 -0.45 19.25
C PRO A 647 -0.19 -1.66 18.53
N SER A 648 -1.50 -1.83 18.67
CA SER A 648 -2.18 -2.97 18.05
C SER A 648 -2.82 -2.67 16.67
N TYR A 649 -2.69 -1.43 16.19
CA TYR A 649 -3.22 -1.03 14.87
C TYR A 649 -2.14 -1.08 13.78
N GLY A 650 -2.51 -1.66 12.64
CA GLY A 650 -1.59 -1.99 11.58
C GLY A 650 -0.81 -0.81 11.02
N TYR A 651 0.48 -1.02 10.81
CA TYR A 651 1.34 -0.03 10.20
C TYR A 651 2.42 -0.77 9.43
N ALA A 652 2.52 -0.51 8.13
CA ALA A 652 3.41 -1.32 7.29
C ALA A 652 4.48 -0.53 6.56
N TYR A 653 4.49 -0.71 5.25
CA TYR A 653 5.31 0.09 4.37
C TYR A 653 4.94 1.57 4.56
N SER A 654 5.93 2.44 4.48
CA SER A 654 5.66 3.85 4.72
C SER A 654 6.55 4.78 3.92
N ALA A 655 6.14 6.03 3.86
CA ALA A 655 6.91 7.08 3.22
C ALA A 655 6.86 8.33 4.08
N ILE A 656 7.99 9.03 4.14
CA ILE A 656 8.15 10.18 5.00
C ILE A 656 8.78 11.28 4.18
N THR A 657 8.31 12.51 4.33
CA THR A 657 9.00 13.60 3.67
C THR A 657 9.00 14.84 4.55
N GLU A 658 9.99 15.70 4.38
CA GLU A 658 9.92 17.01 5.00
C GLU A 658 9.22 17.96 4.03
N LEU A 659 8.07 18.47 4.46
CA LEU A 659 7.25 19.35 3.65
C LEU A 659 7.83 20.76 3.64
N PRO A 660 7.53 21.54 2.60
CA PRO A 660 8.20 22.84 2.47
C PRO A 660 8.00 23.77 3.68
N ASN A 661 6.90 23.61 4.42
CA ASN A 661 6.70 24.37 5.66
C ASN A 661 7.31 23.72 6.90
N HIS A 662 8.19 22.75 6.69
CA HIS A 662 8.91 22.02 7.75
C HIS A 662 8.06 21.08 8.59
N HIS A 663 6.83 20.82 8.14
CA HIS A 663 6.04 19.77 8.74
C HIS A 663 6.55 18.46 8.18
N ILE A 664 6.00 17.35 8.65
CA ILE A 664 6.39 16.04 8.17
C ILE A 664 5.15 15.35 7.61
N GLY A 665 5.22 14.95 6.35
CA GLY A 665 4.15 14.18 5.75
C GLY A 665 4.45 12.68 5.81
N VAL A 666 3.46 11.89 6.17
CA VAL A 666 3.60 10.43 6.26
C VAL A 666 2.47 9.76 5.47
N LEU A 667 2.84 8.99 4.46
CA LEU A 667 1.90 8.28 3.62
C LEU A 667 2.19 6.80 3.77
N PHE A 668 1.27 6.04 4.37
CA PHE A 668 1.61 4.70 4.85
C PHE A 668 0.50 3.67 4.69
N GLU A 669 0.91 2.39 4.66
CA GLU A 669 -0.04 1.28 4.69
C GLU A 669 -0.60 1.10 6.09
N LYS A 670 -1.82 1.60 6.31
CA LYS A 670 -2.41 1.48 7.63
C LYS A 670 -3.09 0.15 7.78
N TYR A 671 -2.28 -0.91 7.75
CA TYR A 671 -2.76 -2.25 7.95
C TYR A 671 -1.60 -3.20 7.93
N ASP A 672 -1.86 -4.45 8.30
CA ASP A 672 -0.83 -5.47 8.26
C ASP A 672 -0.83 -6.10 6.88
N SER A 673 0.03 -5.57 6.00
CA SER A 673 0.11 -6.01 4.62
C SER A 673 0.87 -7.32 4.47
N TRP A 674 1.24 -7.91 5.62
CA TRP A 674 1.86 -9.22 5.59
C TRP A 674 0.81 -10.29 5.83
N SER A 675 -0.10 -10.00 6.77
CA SER A 675 -1.12 -10.96 7.20
C SER A 675 -2.09 -11.43 6.11
N ARG A 676 -2.38 -12.73 6.12
CA ARG A 676 -3.28 -13.32 5.12
C ARG A 676 -4.74 -13.00 5.45
N ASN A 677 -4.96 -12.51 6.67
CA ASN A 677 -6.28 -12.10 7.09
C ASN A 677 -6.67 -10.65 6.70
N GLU A 678 -5.68 -9.86 6.26
CA GLU A 678 -5.91 -8.44 5.89
C GLU A 678 -5.59 -8.14 4.42
N LEU A 679 -5.63 -9.17 3.59
CA LEU A 679 -5.51 -9.02 2.15
C LEU A 679 -6.69 -8.27 1.57
N HIS A 680 -6.43 -7.50 0.51
CA HIS A 680 -7.50 -6.97 -0.32
C HIS A 680 -8.44 -6.00 0.41
N LEU A 681 -7.87 -4.95 1.00
CA LEU A 681 -8.63 -3.88 1.64
C LEU A 681 -8.46 -2.65 0.80
N SER A 682 -9.52 -1.86 0.72
CA SER A 682 -9.47 -0.62 -0.04
C SER A 682 -9.32 0.59 0.88
N ASN A 683 -8.50 1.54 0.44
CA ASN A 683 -8.31 2.81 1.16
C ASN A 683 -7.67 2.63 2.54
N VAL A 684 -6.60 1.85 2.61
CA VAL A 684 -5.82 1.69 3.85
C VAL A 684 -4.48 2.43 3.83
N VAL A 685 -4.04 2.83 2.63
CA VAL A 685 -2.89 3.72 2.48
C VAL A 685 -3.33 5.15 2.72
N GLN A 686 -2.81 5.74 3.78
CA GLN A 686 -3.31 7.01 4.27
C GLN A 686 -2.18 8.03 4.53
N TYR A 687 -2.50 9.30 4.35
CA TYR A 687 -1.54 10.38 4.58
C TYR A 687 -1.94 11.18 5.81
N ILE A 688 -0.95 11.51 6.64
CA ILE A 688 -1.17 12.42 7.75
C ILE A 688 -0.13 13.54 7.74
N ASP A 689 -0.47 14.65 8.39
CA ASP A 689 0.43 15.77 8.50
C ASP A 689 0.89 15.87 9.97
N LEU A 690 2.21 15.92 10.17
CA LEU A 690 2.73 16.00 11.53
C LEU A 690 3.72 17.15 11.65
N GLU A 691 3.81 17.74 12.83
CA GLU A 691 4.80 18.76 13.12
C GLU A 691 5.74 18.18 14.15
N ILE A 692 6.98 18.65 14.17
CA ILE A 692 7.99 18.07 15.04
C ILE A 692 7.58 18.00 16.50
N ASN A 693 7.07 19.10 17.04
CA ASN A 693 6.66 19.11 18.44
C ASN A 693 5.64 18.03 18.78
N ASP A 694 4.91 17.55 17.77
CA ASP A 694 4.02 16.42 17.96
C ASP A 694 4.86 15.18 18.27
N LEU A 695 6.03 15.08 17.63
CA LEU A 695 6.89 13.90 17.79
C LEU A 695 7.61 13.86 19.15
N THR A 696 7.91 15.04 19.71
CA THR A 696 8.60 15.15 20.99
C THR A 696 7.61 15.45 22.12
#